data_3WEL
#
_entry.id   3WEL
#
_cell.length_a   84.705
_cell.length_b   97.886
_cell.length_c   106.800
_cell.angle_alpha   90.000
_cell.angle_beta   90.000
_cell.angle_gamma   90.000
#
_symmetry.space_group_name_H-M   'P 21 21 21'
#
loop_
_entity.id
_entity.type
_entity.pdbx_description
1 polymer Alpha-glucosidase
2 branched alpha-L-fucopyranose-(1-3)-[2-acetamido-2-deoxy-beta-D-glucopyranose-(1-4)]2-acetamido-2-deoxy-beta-D-glucopyranose
3 branched 4,6-dideoxy-4-{[(1S,4R,5S,6S)-4,5,6-trihydroxy-3-(hydroxymethyl)cyclohex-2-en-1-yl]amino}-alpha-D-glucopyranose-(1-4)-alpha-D-glucopyranose-(1-4)-alpha-D-glucopyranose-(1-4)-alpha-D-glucopyranose
4 non-polymer GLYCEROL
5 non-polymer 'SULFATE ION'
6 water water
#
_entity_poly.entity_id   1
_entity_poly.type   'polypeptide(L)'
_entity_poly.pdbx_seq_one_letter_code
;MERSKLPRYICATLAVVLPLVLCMVVEGATTSKNDNQGEAIGYGYQVKNAKVDNSTGKSLTALLQLIRNSPVYGPDIQFL
SFTASFEEDDTLRIRITDANNRRWEIPNEVLPRPPPPPSPPPLSSLQHLPKPIPQNQPTTTVLSHPHSDLVFTLFHTTPF
GFTIYRKSTHDVLFDATPIPSNPTTFLIYKDQYLQLSSSLPAQQAHLYGLGEHTKPTFQLAHNQILTLWNADIASFNRDL
NLYGSHPFYMDVRSSPMVGSTHGVFLLNSNGMDVEYTGDRITYKVIGGIIDLYIFAGRTPEMVLDQYTKLIGRPAPMPYW
AFGFHQCRWGYRDVNEIETVVDKYAEARIPLEVMWTDIDYMDAFKDFTLDPVHFPLDKMQQFVTKLHRNGQRYVPILDPG
INTNKSYGTFIRGMQSNVFIKRDGNPYLGSVWPGPVYYPDFLDPAARSFWVDEIKRFRDILPIDGIWIDMNEASNFITSA
PTPGSTLDNPPYKINNSGGRVPINSKTIPATAMHYGNVTEYNAHNLYGFLESQATREALVRTSNERPFLLSRSTFAGSGK
YTAHWTGDNAARWDDLQYSIPTMLNFGLFGMPMIGADICGFAESTTEELCRRWIQLGAFYPFSRDHSARDTTHQELYLWE
SVAASARTVLGLRYQLLPYYYTLMYDANLRGIPIARPLFFTFPDDVATYGISSQFLIGRGIMVSPVLQPGAVSVNAYFPR
GNWFSLFNYTSSVSVSAGTYVSLSAPPDHINVHIHEGNIVAMQGEAMTTQAARSTPFHLLVVMSDHVASTGELFLDNGIE
MDIGGPGGKWTLVRFFAESGINNLTISSEVVNRGYAMSQRWVMDKITILGLKRRVRIKEYTVQKDAGAIKIKGLGLRTSS
HNQGGFVVSVISDLRQLVGQAFKLELEFEGATR
;
_entity_poly.pdbx_strand_id   A
#
loop_
_chem_comp.id
_chem_comp.type
_chem_comp.name
_chem_comp.formula
AC1 D-saccharide 4,6-dideoxy-4-{[(1S,4R,5S,6S)-4,5,6-trihydroxy-3-(hydroxymethyl)cyclohex-2-en-1-yl]amino}-alpha-D-glucopyranose 'C13 H23 N O8'
FUC L-saccharide, alpha linking alpha-L-fucopyranose 'C6 H12 O5'
GLC D-saccharide, alpha linking alpha-D-glucopyranose 'C6 H12 O6'
GOL non-polymer GLYCEROL 'C3 H8 O3'
NAG D-saccharide, beta linking 2-acetamido-2-deoxy-beta-D-glucopyranose 'C8 H15 N O6'
SO4 non-polymer 'SULFATE ION' 'O4 S -2'
#
# COMPACT_ATOMS: atom_id res chain seq x y z
N GLY A 38 10.41 -39.34 -18.65
CA GLY A 38 9.24 -38.54 -18.30
C GLY A 38 8.92 -38.60 -16.82
N GLU A 39 9.84 -38.11 -16.00
CA GLU A 39 9.77 -38.28 -14.55
C GLU A 39 8.66 -37.50 -13.86
N ALA A 40 8.37 -37.87 -12.62
CA ALA A 40 7.55 -37.07 -11.74
C ALA A 40 8.37 -35.86 -11.32
N ILE A 41 7.69 -34.78 -10.94
CA ILE A 41 8.37 -33.53 -10.62
C ILE A 41 9.22 -33.67 -9.35
N GLY A 42 8.73 -34.44 -8.39
CA GLY A 42 9.46 -34.67 -7.16
C GLY A 42 8.80 -35.75 -6.33
N TYR A 43 9.53 -36.34 -5.39
CA TYR A 43 9.04 -37.48 -4.63
C TYR A 43 8.77 -37.17 -3.18
N GLY A 44 9.15 -35.97 -2.75
CA GLY A 44 8.81 -35.53 -1.41
C GLY A 44 9.83 -35.87 -0.35
N TYR A 45 9.48 -35.57 0.90
CA TYR A 45 10.38 -35.74 2.03
C TYR A 45 9.72 -36.56 3.14
N GLN A 46 10.57 -37.19 3.96
CA GLN A 46 10.09 -37.87 5.16
C GLN A 46 10.71 -37.22 6.38
N VAL A 47 10.02 -37.30 7.51
CA VAL A 47 10.59 -36.83 8.77
C VAL A 47 11.57 -37.89 9.27
N LYS A 48 12.79 -37.48 9.60
CA LYS A 48 13.79 -38.40 10.11
C LYS A 48 13.87 -38.26 11.62
N ASN A 49 13.74 -37.03 12.08
CA ASN A 49 13.50 -36.76 13.49
C ASN A 49 12.84 -35.41 13.68
N ALA A 50 12.32 -35.21 14.87
CA ALA A 50 11.51 -34.04 15.16
C ALA A 50 11.34 -34.01 16.65
N LYS A 51 11.60 -32.86 17.26
CA LYS A 51 11.18 -32.67 18.63
C LYS A 51 10.67 -31.25 18.84
N VAL A 52 9.83 -31.11 19.85
CA VAL A 52 9.48 -29.83 20.41
C VAL A 52 10.49 -29.57 21.51
N ASP A 53 11.08 -28.38 21.55
CA ASP A 53 12.03 -28.04 22.59
C ASP A 53 11.35 -28.02 23.95
N ASN A 54 12.14 -27.95 25.02
CA ASN A 54 11.60 -27.87 26.37
C ASN A 54 12.03 -26.60 27.10
N SER A 55 11.27 -26.22 28.11
CA SER A 55 11.60 -25.09 28.98
C SER A 55 11.69 -23.73 28.28
N THR A 56 11.27 -23.66 27.01
CA THR A 56 11.35 -22.40 26.26
C THR A 56 10.04 -22.12 25.51
N GLY A 57 9.89 -20.88 25.07
CA GLY A 57 8.84 -20.52 24.13
C GLY A 57 8.85 -21.52 22.99
N LYS A 58 8.03 -22.55 23.14
CA LYS A 58 7.99 -23.72 22.27
C LYS A 58 8.33 -23.47 20.79
N SER A 59 9.27 -24.27 20.29
CA SER A 59 9.53 -24.36 18.86
C SER A 59 9.70 -25.81 18.53
N LEU A 60 9.46 -26.17 17.27
CA LEU A 60 9.61 -27.54 16.82
C LEU A 60 10.77 -27.54 15.83
N THR A 61 11.67 -28.50 15.97
CA THR A 61 12.73 -28.69 14.98
C THR A 61 12.65 -30.09 14.41
N ALA A 62 12.62 -30.16 13.08
CA ALA A 62 12.63 -31.45 12.42
C ALA A 62 13.73 -31.49 11.38
N LEU A 63 14.24 -32.69 11.14
CA LEU A 63 15.13 -32.94 10.02
C LEU A 63 14.34 -33.76 9.01
N LEU A 64 14.37 -33.35 7.75
CA LEU A 64 13.65 -34.06 6.69
C LEU A 64 14.64 -34.65 5.68
N GLN A 65 14.41 -35.89 5.27
CA GLN A 65 15.26 -36.50 4.23
C GLN A 65 14.51 -36.74 2.94
N LEU A 66 15.13 -36.38 1.83
CA LEU A 66 14.56 -36.63 0.52
C LEU A 66 14.26 -38.11 0.33
N ILE A 67 13.10 -38.41 -0.25
CA ILE A 67 12.66 -39.77 -0.52
C ILE A 67 13.40 -40.39 -1.71
N ARG A 68 13.42 -39.66 -2.81
CA ARG A 68 14.00 -40.13 -4.07
C ARG A 68 14.26 -38.90 -4.94
N ASN A 69 15.32 -38.93 -5.73
CA ASN A 69 15.66 -37.78 -6.57
C ASN A 69 14.79 -37.67 -7.82
N SER A 70 14.76 -36.47 -8.37
CA SER A 70 14.18 -36.25 -9.70
C SER A 70 15.05 -35.27 -10.48
N PRO A 71 15.12 -35.46 -11.81
CA PRO A 71 15.82 -34.56 -12.72
C PRO A 71 14.97 -33.37 -13.13
N VAL A 72 13.67 -33.44 -12.85
CA VAL A 72 12.77 -32.36 -13.24
C VAL A 72 13.11 -31.11 -12.44
N TYR A 73 13.32 -29.99 -13.14
CA TYR A 73 13.55 -28.69 -12.52
C TYR A 73 14.84 -28.65 -11.70
N GLY A 74 15.70 -29.65 -11.89
CA GLY A 74 17.04 -29.59 -11.32
C GLY A 74 17.22 -30.32 -10.00
N PRO A 75 18.39 -30.13 -9.37
CA PRO A 75 18.85 -30.92 -8.24
C PRO A 75 18.02 -30.74 -6.96
N ASP A 76 17.60 -31.85 -6.37
CA ASP A 76 16.83 -31.83 -5.12
C ASP A 76 17.75 -31.66 -3.93
N ILE A 77 17.35 -30.86 -2.95
CA ILE A 77 18.11 -30.76 -1.72
C ILE A 77 17.82 -32.04 -0.94
N GLN A 78 18.86 -32.76 -0.54
CA GLN A 78 18.67 -34.05 0.12
C GLN A 78 18.17 -33.94 1.55
N PHE A 79 18.71 -32.98 2.30
CA PHE A 79 18.35 -32.81 3.71
C PHE A 79 17.82 -31.42 4.03
N LEU A 80 16.66 -31.36 4.68
CA LEU A 80 16.04 -30.10 5.04
C LEU A 80 15.96 -29.91 6.55
N SER A 81 16.31 -28.71 6.99
CA SER A 81 16.02 -28.32 8.37
C SER A 81 14.65 -27.63 8.39
N PHE A 82 13.74 -28.16 9.20
CA PHE A 82 12.36 -27.65 9.28
C PHE A 82 12.09 -27.16 10.70
N THR A 83 11.69 -25.90 10.84
CA THR A 83 11.28 -25.40 12.15
C THR A 83 9.93 -24.67 12.13
N ALA A 84 9.12 -24.92 13.14
CA ALA A 84 7.93 -24.11 13.42
C ALA A 84 8.10 -23.46 14.79
N SER A 85 7.83 -22.17 14.89
CA SER A 85 7.98 -21.47 16.18
C SER A 85 7.04 -20.27 16.30
N PHE A 86 6.63 -19.97 17.54
CA PHE A 86 5.79 -18.81 17.83
C PHE A 86 6.66 -17.61 18.13
N GLU A 87 6.81 -16.71 17.17
CA GLU A 87 7.56 -15.48 17.40
C GLU A 87 6.73 -14.53 18.22
N GLU A 88 5.41 -14.67 18.08
CA GLU A 88 4.45 -14.04 18.97
C GLU A 88 3.29 -15.01 19.18
N ASP A 89 2.44 -14.75 20.17
CA ASP A 89 1.26 -15.59 20.39
C ASP A 89 0.36 -15.61 19.17
N ASP A 90 0.46 -14.57 18.34
CA ASP A 90 -0.42 -14.45 17.17
C ASP A 90 0.29 -14.70 15.83
N THR A 91 1.55 -15.09 15.89
CA THR A 91 2.36 -15.25 14.67
C THR A 91 3.18 -16.52 14.72
N LEU A 92 2.92 -17.41 13.77
CA LEU A 92 3.63 -18.68 13.67
C LEU A 92 4.59 -18.60 12.47
N ARG A 93 5.82 -19.06 12.66
CA ARG A 93 6.84 -19.01 11.61
C ARG A 93 7.28 -20.42 11.26
N ILE A 94 7.21 -20.76 9.97
CA ILE A 94 7.66 -22.06 9.50
C ILE A 94 8.82 -21.84 8.53
N ARG A 95 9.99 -22.36 8.89
CA ARG A 95 11.21 -22.09 8.16
C ARG A 95 11.83 -23.39 7.68
N ILE A 96 11.93 -23.52 6.36
CA ILE A 96 12.47 -24.73 5.74
C ILE A 96 13.72 -24.36 4.94
N THR A 97 14.86 -24.88 5.38
CA THR A 97 16.15 -24.54 4.81
C THR A 97 16.90 -25.81 4.46
N ASP A 98 18.01 -25.67 3.75
CA ASP A 98 18.90 -26.78 3.47
C ASP A 98 19.66 -27.06 4.76
N ALA A 99 19.52 -28.26 5.28
CA ALA A 99 20.19 -28.67 6.51
C ALA A 99 21.72 -28.54 6.40
N ASN A 100 22.25 -28.65 5.18
CA ASN A 100 23.69 -28.71 4.96
C ASN A 100 24.30 -27.47 4.29
N ASN A 101 23.48 -26.52 3.87
CA ASN A 101 23.98 -25.30 3.25
C ASN A 101 23.11 -24.09 3.54
N ARG A 102 23.75 -22.95 3.75
CA ARG A 102 23.01 -21.71 3.83
C ARG A 102 22.51 -21.39 2.44
N ARG A 103 21.33 -20.79 2.36
CA ARG A 103 20.76 -20.36 1.10
C ARG A 103 20.42 -18.89 1.20
N TRP A 104 20.10 -18.27 0.07
CA TRP A 104 19.71 -16.86 0.04
C TRP A 104 18.51 -16.60 0.94
N GLU A 105 18.64 -15.57 1.77
CA GLU A 105 17.52 -15.05 2.56
C GLU A 105 17.56 -13.53 2.43
N ILE A 106 16.40 -12.87 2.48
CA ILE A 106 16.38 -11.41 2.49
C ILE A 106 17.21 -10.93 3.68
N PRO A 107 18.20 -10.05 3.41
CA PRO A 107 19.12 -9.61 4.47
C PRO A 107 18.37 -8.98 5.63
N ASN A 108 18.79 -9.31 6.83
CA ASN A 108 18.18 -8.72 8.03
C ASN A 108 18.28 -7.21 7.99
N GLU A 109 19.33 -6.69 7.35
CA GLU A 109 19.50 -5.23 7.28
C GLU A 109 18.43 -4.59 6.39
N VAL A 110 17.89 -5.38 5.45
CA VAL A 110 16.88 -4.87 4.53
C VAL A 110 15.50 -4.93 5.17
N LEU A 111 15.22 -6.05 5.83
CA LEU A 111 13.92 -6.31 6.44
C LEU A 111 14.18 -6.94 7.81
N PRO A 112 14.47 -6.12 8.82
CA PRO A 112 14.85 -6.65 10.14
C PRO A 112 13.73 -7.42 10.83
N ARG A 113 14.06 -8.60 11.34
CA ARG A 113 13.05 -9.48 11.93
C ARG A 113 13.73 -10.40 12.91
N PRO A 114 12.96 -10.97 13.85
CA PRO A 114 13.50 -11.93 14.82
C PRO A 114 14.23 -13.09 14.14
N PRO A 115 15.41 -13.47 14.67
CA PRO A 115 16.22 -14.54 14.07
C PRO A 115 15.53 -15.89 14.25
N PRO A 116 15.94 -16.92 13.49
CA PRO A 116 15.31 -18.24 13.60
C PRO A 116 15.47 -18.82 15.01
N PRO A 117 14.64 -19.81 15.38
CA PRO A 117 14.91 -20.50 16.64
C PRO A 117 16.16 -21.37 16.52
N PRO A 118 16.80 -21.72 17.65
CA PRO A 118 17.97 -22.59 17.65
C PRO A 118 17.65 -24.04 17.30
N PRO A 138 -1.27 -41.38 11.70
CA PRO A 138 0.15 -41.74 11.83
C PRO A 138 0.84 -40.98 12.96
N THR A 139 2.16 -41.06 13.02
CA THR A 139 2.93 -40.33 14.02
C THR A 139 2.86 -38.84 13.74
N THR A 140 2.59 -38.05 14.77
CA THR A 140 2.56 -36.60 14.65
C THR A 140 3.33 -35.92 15.77
N THR A 141 3.93 -34.78 15.46
CA THR A 141 4.52 -33.92 16.48
C THR A 141 3.72 -32.63 16.47
N VAL A 142 3.21 -32.25 17.64
CA VAL A 142 2.30 -31.11 17.74
C VAL A 142 2.94 -29.96 18.48
N LEU A 143 2.81 -28.76 17.92
CA LEU A 143 3.27 -27.55 18.58
C LEU A 143 2.07 -26.65 18.86
N SER A 144 1.93 -26.24 20.12
CA SER A 144 0.89 -25.29 20.50
C SER A 144 1.29 -24.54 21.76
N HIS A 145 0.70 -23.37 21.95
CA HIS A 145 0.99 -22.48 23.06
C HIS A 145 -0.33 -22.15 23.75
N PRO A 146 -0.32 -22.03 25.09
CA PRO A 146 -1.60 -21.83 25.79
C PRO A 146 -2.33 -20.56 25.38
N HIS A 147 -1.59 -19.50 25.04
CA HIS A 147 -2.21 -18.22 24.70
C HIS A 147 -2.29 -17.97 23.20
N SER A 148 -1.98 -18.99 22.40
N SER A 148 -1.99 -19.00 22.41
CA SER A 148 -2.06 -18.87 20.95
CA SER A 148 -2.06 -18.89 20.96
C SER A 148 -3.24 -19.65 20.38
C SER A 148 -3.25 -19.65 20.39
N ASP A 149 -3.97 -19.03 19.46
CA ASP A 149 -5.09 -19.69 18.80
C ASP A 149 -4.60 -20.63 17.69
N LEU A 150 -3.29 -20.63 17.45
CA LEU A 150 -2.71 -21.43 16.38
C LEU A 150 -2.10 -22.73 16.89
N VAL A 151 -2.48 -23.85 16.27
CA VAL A 151 -1.88 -25.15 16.57
C VAL A 151 -1.19 -25.72 15.35
N PHE A 152 0.09 -26.08 15.50
CA PHE A 152 0.86 -26.68 14.41
C PHE A 152 1.04 -28.18 14.61
N THR A 153 0.84 -28.95 13.53
CA THR A 153 1.01 -30.40 13.58
C THR A 153 1.91 -30.89 12.44
N LEU A 154 2.96 -31.63 12.78
CA LEU A 154 3.81 -32.26 11.76
C LEU A 154 3.40 -33.72 11.56
N PHE A 155 2.94 -34.06 10.35
CA PHE A 155 2.51 -35.43 10.04
C PHE A 155 3.65 -36.27 9.47
N HIS A 156 4.01 -37.33 10.17
CA HIS A 156 5.12 -38.19 9.76
C HIS A 156 4.70 -39.19 8.69
N THR A 157 4.01 -38.69 7.67
CA THR A 157 3.58 -39.55 6.56
C THR A 157 4.69 -39.66 5.52
N THR A 158 4.37 -40.32 4.42
CA THR A 158 5.28 -40.49 3.30
C THR A 158 4.54 -40.17 2.01
N PRO A 159 4.83 -39.01 1.40
CA PRO A 159 5.72 -37.97 1.96
C PRO A 159 5.07 -37.24 3.13
N PHE A 160 5.86 -36.48 3.89
CA PHE A 160 5.38 -35.87 5.12
C PHE A 160 4.39 -34.72 4.87
N GLY A 161 3.72 -34.28 5.93
CA GLY A 161 2.84 -33.13 5.84
C GLY A 161 2.85 -32.27 7.09
N PHE A 162 2.15 -31.14 7.03
CA PHE A 162 1.97 -30.28 8.20
C PHE A 162 0.73 -29.42 8.04
N THR A 163 0.08 -29.10 9.16
CA THR A 163 -1.09 -28.23 9.14
C THR A 163 -1.02 -27.21 10.26
N ILE A 164 -1.82 -26.14 10.12
CA ILE A 164 -1.99 -25.18 11.19
C ILE A 164 -3.48 -24.94 11.33
N TYR A 165 -4.01 -25.10 12.54
CA TYR A 165 -5.44 -24.90 12.72
C TYR A 165 -5.75 -24.02 13.91
N ARG A 166 -6.95 -23.47 13.94
CA ARG A 166 -7.42 -22.67 15.06
C ARG A 166 -7.88 -23.55 16.21
N LYS A 167 -7.30 -23.32 17.38
CA LYS A 167 -7.71 -24.00 18.60
C LYS A 167 -9.20 -23.76 18.85
N SER A 168 -9.62 -22.51 18.64
CA SER A 168 -10.96 -22.06 19.02
C SER A 168 -12.12 -22.62 18.21
N THR A 169 -11.86 -23.04 16.98
CA THR A 169 -12.93 -23.43 16.06
C THR A 169 -12.56 -24.69 15.27
N HIS A 170 -11.30 -25.10 15.40
CA HIS A 170 -10.76 -26.23 14.65
C HIS A 170 -10.75 -26.02 13.14
N ASP A 171 -10.87 -24.76 12.72
CA ASP A 171 -10.74 -24.44 11.31
C ASP A 171 -9.31 -24.67 10.87
N VAL A 172 -9.12 -25.43 9.79
CA VAL A 172 -7.78 -25.61 9.25
C VAL A 172 -7.43 -24.40 8.41
N LEU A 173 -6.40 -23.67 8.83
CA LEU A 173 -5.97 -22.47 8.13
C LEU A 173 -5.04 -22.78 6.97
N PHE A 174 -4.02 -23.60 7.25
CA PHE A 174 -3.04 -23.96 6.24
C PHE A 174 -2.81 -25.46 6.36
N ASP A 175 -3.01 -26.17 5.24
CA ASP A 175 -3.01 -27.63 5.25
C ASP A 175 -2.06 -28.15 4.18
N ALA A 176 -0.81 -28.40 4.55
CA ALA A 176 0.17 -28.87 3.59
C ALA A 176 0.28 -30.40 3.60
N THR A 177 -0.84 -31.10 3.80
CA THR A 177 -0.81 -32.56 3.72
C THR A 177 -0.88 -33.02 2.27
N PRO A 178 0.09 -33.85 1.86
CA PRO A 178 0.16 -34.28 0.47
C PRO A 178 -0.89 -35.33 0.12
N ILE A 179 -1.40 -35.28 -1.10
CA ILE A 179 -2.15 -36.38 -1.67
C ILE A 179 -1.09 -37.23 -2.35
N PRO A 180 -0.75 -38.38 -1.76
CA PRO A 180 0.49 -39.14 -2.05
C PRO A 180 0.68 -39.58 -3.52
N SER A 181 -0.38 -39.48 -4.32
CA SER A 181 -0.28 -39.83 -5.74
C SER A 181 -0.29 -38.57 -6.57
N ASN A 182 -0.13 -37.43 -5.91
CA ASN A 182 -0.23 -36.13 -6.59
C ASN A 182 0.92 -35.23 -6.15
N PRO A 183 2.05 -35.32 -6.86
CA PRO A 183 3.29 -34.60 -6.52
C PRO A 183 3.14 -33.08 -6.51
N THR A 184 2.10 -32.57 -7.17
CA THR A 184 1.81 -31.14 -7.20
C THR A 184 1.38 -30.65 -5.82
N THR A 185 1.11 -31.60 -4.93
CA THR A 185 0.67 -31.30 -3.56
C THR A 185 1.80 -31.46 -2.55
N PHE A 186 2.96 -31.89 -3.04
CA PHE A 186 4.11 -32.19 -2.19
C PHE A 186 4.91 -30.92 -1.87
N LEU A 187 5.62 -30.96 -0.74
CA LEU A 187 6.72 -30.02 -0.53
C LEU A 187 7.89 -30.55 -1.35
N ILE A 188 8.32 -29.76 -2.33
CA ILE A 188 9.46 -30.10 -3.17
C ILE A 188 10.48 -28.99 -2.96
N TYR A 189 11.77 -29.33 -2.97
CA TYR A 189 12.79 -28.35 -2.59
C TYR A 189 14.05 -28.55 -3.40
N LYS A 190 14.09 -27.91 -4.56
CA LYS A 190 15.25 -27.96 -5.43
C LYS A 190 15.93 -26.58 -5.42
N ASP A 191 17.17 -26.51 -5.89
CA ASP A 191 17.94 -25.26 -5.80
C ASP A 191 17.19 -24.07 -6.39
N GLN A 192 16.50 -24.32 -7.50
CA GLN A 192 15.75 -23.28 -8.19
C GLN A 192 14.28 -23.65 -8.39
N TYR A 193 13.77 -24.49 -7.50
CA TYR A 193 12.36 -24.81 -7.49
C TYR A 193 11.92 -25.28 -6.11
N LEU A 194 11.22 -24.39 -5.39
CA LEU A 194 10.59 -24.75 -4.12
C LEU A 194 9.11 -24.83 -4.36
N GLN A 195 8.49 -25.92 -3.91
CA GLN A 195 7.05 -26.07 -4.07
C GLN A 195 6.41 -26.26 -2.70
N LEU A 196 5.43 -25.42 -2.39
CA LEU A 196 4.70 -25.55 -1.14
C LEU A 196 3.23 -25.37 -1.48
N SER A 197 2.39 -26.32 -1.04
CA SER A 197 0.98 -26.31 -1.40
C SER A 197 0.11 -26.47 -0.16
N SER A 198 -1.02 -25.76 -0.14
CA SER A 198 -2.03 -25.93 0.92
C SER A 198 -3.41 -26.15 0.31
N SER A 199 -4.17 -27.08 0.86
CA SER A 199 -5.57 -27.19 0.51
C SER A 199 -6.32 -26.04 1.18
N LEU A 200 -7.47 -25.67 0.61
CA LEU A 200 -8.29 -24.62 1.19
C LEU A 200 -9.74 -25.03 1.07
N PRO A 201 -10.60 -24.57 1.99
CA PRO A 201 -12.03 -24.81 1.81
C PRO A 201 -12.53 -23.87 0.72
N ALA A 202 -12.83 -24.41 -0.45
CA ALA A 202 -13.13 -23.61 -1.64
C ALA A 202 -14.13 -22.48 -1.39
N GLN A 203 -15.22 -22.80 -0.72
CA GLN A 203 -16.31 -21.83 -0.54
C GLN A 203 -16.16 -20.96 0.71
N GLN A 204 -15.41 -21.43 1.71
CA GLN A 204 -15.25 -20.68 2.95
C GLN A 204 -14.06 -19.68 2.93
N ALA A 205 -13.00 -20.05 2.23
CA ALA A 205 -11.78 -19.23 2.20
C ALA A 205 -11.88 -18.16 1.13
N HIS A 206 -11.77 -16.90 1.53
CA HIS A 206 -11.82 -15.78 0.61
C HIS A 206 -10.47 -15.12 0.66
N LEU A 207 -9.73 -15.16 -0.44
CA LEU A 207 -8.34 -14.72 -0.43
C LEU A 207 -8.13 -13.35 -1.07
N TYR A 208 -7.19 -12.58 -0.51
CA TYR A 208 -6.84 -11.25 -1.00
C TYR A 208 -5.33 -11.06 -0.92
N GLY A 209 -4.76 -10.49 -1.97
CA GLY A 209 -3.37 -10.06 -1.91
C GLY A 209 -2.50 -10.58 -3.05
N LEU A 210 -1.30 -11.05 -2.69
CA LEU A 210 -0.36 -11.60 -3.67
C LEU A 210 -0.13 -10.64 -4.83
N GLY A 211 0.29 -9.41 -4.51
CA GLY A 211 0.50 -8.37 -5.53
C GLY A 211 1.86 -8.49 -6.19
N GLU A 212 2.12 -7.69 -7.23
CA GLU A 212 1.20 -6.66 -7.71
C GLU A 212 0.57 -7.06 -9.04
N HIS A 213 -0.76 -7.08 -9.10
CA HIS A 213 -1.51 -7.42 -10.31
C HIS A 213 -2.79 -6.63 -10.44
N THR A 214 -3.12 -6.26 -11.66
CA THR A 214 -4.37 -5.56 -11.93
C THR A 214 -5.47 -6.58 -12.10
N LYS A 215 -6.58 -6.39 -11.41
CA LYS A 215 -7.65 -7.38 -11.39
C LYS A 215 -8.96 -6.64 -11.30
N PRO A 216 -10.00 -7.18 -11.94
CA PRO A 216 -11.32 -6.55 -11.82
C PRO A 216 -11.98 -6.84 -10.47
N THR A 217 -11.49 -7.86 -9.76
CA THR A 217 -11.99 -8.13 -8.41
C THR A 217 -10.92 -7.95 -7.34
N PHE A 218 -11.36 -7.65 -6.13
CA PHE A 218 -10.44 -7.51 -5.02
C PHE A 218 -10.20 -8.89 -4.43
N GLN A 219 -11.27 -9.58 -4.07
CA GLN A 219 -11.12 -11.00 -3.72
C GLN A 219 -10.55 -11.78 -4.91
N LEU A 220 -9.53 -12.59 -4.66
CA LEU A 220 -8.87 -13.34 -5.72
C LEU A 220 -9.82 -14.35 -6.34
N ALA A 221 -9.90 -14.36 -7.66
CA ALA A 221 -10.79 -15.28 -8.37
C ALA A 221 -10.16 -16.65 -8.34
N HIS A 222 -10.98 -17.69 -8.34
CA HIS A 222 -10.47 -19.06 -8.36
C HIS A 222 -9.85 -19.36 -9.72
N ASN A 223 -8.87 -20.26 -9.73
CA ASN A 223 -8.29 -20.78 -10.97
C ASN A 223 -7.44 -19.78 -11.75
N GLN A 224 -6.31 -19.38 -11.15
CA GLN A 224 -5.41 -18.43 -11.80
C GLN A 224 -3.99 -18.62 -11.29
N ILE A 225 -3.03 -18.05 -12.01
CA ILE A 225 -1.64 -18.05 -11.59
C ILE A 225 -1.22 -16.60 -11.41
N LEU A 226 -0.67 -16.27 -10.24
CA LEU A 226 -0.21 -14.92 -9.96
C LEU A 226 1.31 -14.96 -9.91
N THR A 227 1.95 -14.18 -10.77
CA THR A 227 3.41 -14.23 -10.88
C THR A 227 3.97 -13.02 -10.16
N LEU A 228 5.00 -13.24 -9.34
CA LEU A 228 5.66 -12.15 -8.65
C LEU A 228 7.07 -12.02 -9.20
N TRP A 229 7.26 -11.02 -10.04
CA TRP A 229 8.58 -10.72 -10.60
C TRP A 229 8.51 -9.28 -11.05
N ASN A 230 9.13 -8.38 -10.29
CA ASN A 230 9.02 -6.96 -10.58
C ASN A 230 9.39 -6.66 -12.03
N ALA A 231 8.46 -6.02 -12.74
CA ALA A 231 8.65 -5.82 -14.16
C ALA A 231 7.99 -4.52 -14.59
N ASP A 232 8.64 -3.84 -15.53
CA ASP A 232 8.07 -2.64 -16.12
C ASP A 232 6.99 -3.07 -17.09
N ILE A 233 5.85 -3.48 -16.55
CA ILE A 233 4.71 -3.90 -17.35
C ILE A 233 3.53 -3.02 -16.91
N ALA A 234 2.80 -2.45 -17.87
CA ALA A 234 1.82 -1.42 -17.53
C ALA A 234 0.65 -2.01 -16.76
N SER A 235 0.15 -1.26 -15.78
CA SER A 235 -0.94 -1.76 -14.98
C SER A 235 -2.28 -1.74 -15.73
N PHE A 236 -2.29 -1.14 -16.92
CA PHE A 236 -3.49 -1.30 -17.77
C PHE A 236 -3.69 -2.74 -18.27
N ASN A 237 -2.63 -3.54 -18.16
CA ASN A 237 -2.70 -4.98 -18.43
C ASN A 237 -3.25 -5.75 -17.23
N ARG A 238 -4.38 -6.44 -17.39
CA ARG A 238 -4.88 -7.33 -16.35
C ARG A 238 -3.95 -8.52 -16.16
N ASP A 239 -3.90 -9.05 -14.94
CA ASP A 239 -3.29 -10.34 -14.61
C ASP A 239 -1.76 -10.37 -14.53
N LEU A 240 -1.09 -9.69 -15.46
CA LEU A 240 0.37 -9.77 -15.58
C LEU A 240 1.07 -9.29 -14.33
N ASN A 241 2.25 -9.86 -14.05
CA ASN A 241 3.08 -9.37 -12.95
C ASN A 241 3.45 -7.93 -13.24
N LEU A 242 3.37 -7.08 -12.23
CA LEU A 242 3.66 -5.66 -12.42
C LEU A 242 4.91 -5.26 -11.65
N TYR A 243 4.91 -4.03 -11.15
CA TYR A 243 6.14 -3.41 -10.68
C TYR A 243 6.63 -3.93 -9.36
N GLY A 244 5.72 -4.53 -8.59
CA GLY A 244 6.04 -4.95 -7.24
C GLY A 244 5.69 -6.39 -6.93
N SER A 245 6.22 -6.88 -5.81
CA SER A 245 5.97 -8.25 -5.36
C SER A 245 5.64 -8.27 -3.89
N HIS A 246 4.46 -8.77 -3.57
CA HIS A 246 4.01 -8.84 -2.19
C HIS A 246 3.42 -10.20 -1.89
N PRO A 247 4.29 -11.13 -1.45
CA PRO A 247 3.87 -12.54 -1.29
C PRO A 247 3.10 -12.73 0.02
N PHE A 248 2.05 -11.93 0.19
CA PHE A 248 1.20 -11.99 1.37
C PHE A 248 -0.22 -12.24 0.89
N TYR A 249 -0.96 -13.08 1.62
CA TYR A 249 -2.42 -13.09 1.42
C TYR A 249 -3.20 -13.06 2.73
N MET A 250 -4.36 -12.44 2.65
CA MET A 250 -5.34 -12.46 3.74
C MET A 250 -6.42 -13.49 3.37
N ASP A 251 -6.86 -14.26 4.36
CA ASP A 251 -7.82 -15.35 4.17
C ASP A 251 -8.94 -15.15 5.17
N VAL A 252 -10.07 -14.66 4.66
CA VAL A 252 -11.23 -14.35 5.46
C VAL A 252 -12.17 -15.54 5.35
N ARG A 253 -12.51 -16.15 6.49
CA ARG A 253 -13.36 -17.35 6.45
C ARG A 253 -14.82 -16.99 6.73
N SER A 254 -15.73 -17.45 5.86
CA SER A 254 -17.15 -17.16 6.06
C SER A 254 -17.76 -18.09 7.13
N SER A 255 -17.08 -19.21 7.36
CA SER A 255 -17.39 -20.14 8.46
C SER A 255 -16.23 -21.12 8.63
N PRO A 256 -16.08 -21.70 9.83
CA PRO A 256 -16.85 -21.48 11.06
C PRO A 256 -16.45 -20.14 11.68
N MET A 257 -17.38 -19.54 12.40
N MET A 257 -17.38 -19.53 12.40
CA MET A 257 -17.20 -18.20 12.97
CA MET A 257 -17.18 -18.19 12.96
C MET A 257 -16.94 -17.20 11.84
C MET A 257 -16.94 -17.19 11.83
N VAL A 258 -18.02 -16.60 11.34
CA VAL A 258 -17.98 -15.70 10.20
C VAL A 258 -17.02 -14.53 10.43
N GLY A 259 -16.16 -14.27 9.45
CA GLY A 259 -15.24 -13.15 9.52
C GLY A 259 -13.90 -13.49 10.15
N SER A 260 -13.72 -14.74 10.54
CA SER A 260 -12.46 -15.22 11.11
C SER A 260 -11.35 -15.18 10.05
N THR A 261 -10.34 -14.36 10.32
CA THR A 261 -9.37 -14.00 9.29
C THR A 261 -7.96 -14.31 9.79
N HIS A 262 -7.13 -14.83 8.89
CA HIS A 262 -5.71 -15.00 9.17
C HIS A 262 -4.89 -14.46 8.00
N GLY A 263 -3.57 -14.37 8.17
CA GLY A 263 -2.71 -13.90 7.11
C GLY A 263 -1.59 -14.90 6.88
N VAL A 264 -1.10 -14.95 5.65
CA VAL A 264 -0.05 -15.89 5.26
C VAL A 264 0.97 -15.13 4.42
N PHE A 265 2.22 -15.13 4.88
CA PHE A 265 3.30 -14.38 4.23
C PHE A 265 4.48 -15.28 3.98
N LEU A 266 4.94 -15.33 2.73
CA LEU A 266 6.16 -16.07 2.42
C LEU A 266 7.29 -15.08 2.21
N LEU A 267 8.18 -15.00 3.20
CA LEU A 267 9.25 -14.00 3.18
C LEU A 267 10.38 -14.44 2.24
N ASN A 268 10.19 -14.16 0.96
CA ASN A 268 11.06 -14.64 -0.10
C ASN A 268 11.04 -13.65 -1.26
N SER A 269 12.22 -13.26 -1.73
CA SER A 269 12.36 -12.22 -2.75
C SER A 269 12.61 -12.77 -4.14
N ASN A 270 12.63 -14.10 -4.28
CA ASN A 270 12.82 -14.72 -5.59
C ASN A 270 11.57 -14.68 -6.44
N GLY A 271 11.73 -14.84 -7.74
CA GLY A 271 10.58 -14.91 -8.63
C GLY A 271 9.73 -16.11 -8.26
N MET A 272 8.42 -15.97 -8.38
CA MET A 272 7.56 -17.10 -8.05
C MET A 272 6.25 -17.06 -8.82
N ASP A 273 5.65 -18.24 -9.00
CA ASP A 273 4.28 -18.34 -9.45
C ASP A 273 3.48 -18.80 -8.27
N VAL A 274 2.28 -18.23 -8.08
CA VAL A 274 1.39 -18.74 -7.06
C VAL A 274 0.11 -19.19 -7.74
N GLU A 275 -0.17 -20.49 -7.67
CA GLU A 275 -1.33 -21.02 -8.35
C GLU A 275 -2.47 -21.19 -7.35
N TYR A 276 -3.61 -20.56 -7.65
CA TYR A 276 -4.75 -20.60 -6.76
C TYR A 276 -5.93 -21.21 -7.51
N THR A 277 -6.46 -22.32 -7.01
CA THR A 277 -7.56 -22.99 -7.71
C THR A 277 -8.83 -23.09 -6.88
N GLY A 278 -8.93 -22.29 -5.83
CA GLY A 278 -10.08 -22.37 -4.93
C GLY A 278 -9.86 -23.33 -3.77
N ASP A 279 -9.64 -24.60 -4.07
CA ASP A 279 -9.48 -25.59 -3.01
C ASP A 279 -8.01 -25.89 -2.75
N ARG A 280 -7.14 -25.10 -3.39
CA ARG A 280 -5.71 -25.24 -3.21
C ARG A 280 -4.96 -23.96 -3.59
N ILE A 281 -3.85 -23.75 -2.91
CA ILE A 281 -2.91 -22.70 -3.32
C ILE A 281 -1.49 -23.27 -3.29
N THR A 282 -0.74 -23.03 -4.36
CA THR A 282 0.60 -23.58 -4.46
C THR A 282 1.61 -22.51 -4.82
N TYR A 283 2.66 -22.37 -4.00
CA TYR A 283 3.78 -21.48 -4.35
C TYR A 283 4.80 -22.26 -5.18
N LYS A 284 5.22 -21.68 -6.29
CA LYS A 284 6.31 -22.27 -7.05
C LYS A 284 7.40 -21.21 -7.18
N VAL A 285 8.46 -21.36 -6.38
CA VAL A 285 9.44 -20.29 -6.17
C VAL A 285 10.81 -20.73 -6.69
N ILE A 286 11.51 -19.83 -7.39
CA ILE A 286 12.70 -20.26 -8.13
C ILE A 286 14.02 -20.08 -7.39
N GLY A 287 13.93 -19.84 -6.08
CA GLY A 287 15.14 -19.74 -5.28
C GLY A 287 14.85 -19.45 -3.81
N GLY A 288 15.91 -19.22 -3.05
CA GLY A 288 15.75 -18.87 -1.65
C GLY A 288 15.27 -20.02 -0.77
N ILE A 289 14.54 -19.68 0.29
CA ILE A 289 14.05 -20.70 1.20
C ILE A 289 12.55 -20.53 1.44
N ILE A 290 11.98 -21.47 2.18
CA ILE A 290 10.62 -21.30 2.67
C ILE A 290 10.71 -20.66 4.06
N ASP A 291 10.22 -19.43 4.19
CA ASP A 291 10.15 -18.81 5.50
C ASP A 291 8.74 -18.26 5.60
N LEU A 292 7.83 -19.06 6.13
CA LEU A 292 6.40 -18.78 6.06
C LEU A 292 5.83 -18.30 7.39
N TYR A 293 5.09 -17.20 7.36
CA TYR A 293 4.51 -16.64 8.56
C TYR A 293 2.98 -16.74 8.52
N ILE A 294 2.39 -17.28 9.58
CA ILE A 294 0.93 -17.30 9.68
C ILE A 294 0.48 -16.36 10.78
N PHE A 295 -0.41 -15.43 10.44
CA PHE A 295 -0.89 -14.41 11.38
C PHE A 295 -2.32 -14.76 11.81
N ALA A 296 -2.53 -14.95 13.11
CA ALA A 296 -3.76 -15.53 13.64
C ALA A 296 -5.03 -14.68 13.54
N GLY A 297 -4.89 -13.38 13.34
CA GLY A 297 -6.05 -12.52 13.37
C GLY A 297 -6.56 -12.32 14.79
N ARG A 298 -7.87 -12.49 15.01
CA ARG A 298 -8.77 -13.08 14.03
C ARG A 298 -9.60 -12.08 13.22
N THR A 299 -9.50 -10.80 13.53
CA THR A 299 -10.17 -9.79 12.69
C THR A 299 -9.24 -9.41 11.55
N PRO A 300 -9.80 -8.91 10.45
CA PRO A 300 -8.88 -8.46 9.38
C PRO A 300 -7.90 -7.37 9.87
N GLU A 301 -8.36 -6.46 10.73
CA GLU A 301 -7.42 -5.43 11.20
C GLU A 301 -6.27 -6.01 12.03
N MET A 302 -6.57 -6.97 12.90
N MET A 302 -6.56 -6.97 12.90
CA MET A 302 -5.54 -7.66 13.69
CA MET A 302 -5.49 -7.60 13.69
C MET A 302 -4.48 -8.28 12.76
C MET A 302 -4.47 -8.30 12.77
N VAL A 303 -4.93 -8.89 11.67
CA VAL A 303 -4.01 -9.52 10.70
C VAL A 303 -3.03 -8.48 10.13
N LEU A 304 -3.52 -7.31 9.79
CA LEU A 304 -2.64 -6.28 9.23
C LEU A 304 -1.75 -5.68 10.32
N ASP A 305 -2.26 -5.66 11.55
CA ASP A 305 -1.42 -5.23 12.67
C ASP A 305 -0.27 -6.23 12.82
N GLN A 306 -0.60 -7.51 12.88
CA GLN A 306 0.41 -8.57 12.99
C GLN A 306 1.38 -8.57 11.81
N TYR A 307 0.86 -8.38 10.60
CA TYR A 307 1.72 -8.42 9.41
C TYR A 307 2.68 -7.23 9.39
N THR A 308 2.16 -6.03 9.67
CA THR A 308 3.00 -4.84 9.62
C THR A 308 3.96 -4.78 10.80
N LYS A 309 3.65 -5.50 11.87
CA LYS A 309 4.62 -5.63 12.95
C LYS A 309 5.87 -6.33 12.42
N LEU A 310 5.67 -7.30 11.54
CA LEU A 310 6.79 -8.04 10.95
C LEU A 310 7.51 -7.23 9.87
N ILE A 311 6.77 -6.76 8.87
CA ILE A 311 7.43 -6.13 7.71
C ILE A 311 7.72 -4.64 7.82
N GLY A 312 7.14 -3.98 8.82
CA GLY A 312 7.40 -2.56 9.03
C GLY A 312 6.09 -1.80 9.07
N ARG A 313 5.96 -0.88 10.03
CA ARG A 313 4.75 -0.08 10.10
C ARG A 313 4.78 0.92 8.96
N PRO A 314 3.61 1.21 8.37
CA PRO A 314 3.54 2.26 7.33
C PRO A 314 4.21 3.55 7.79
N ALA A 315 5.08 4.10 6.94
CA ALA A 315 5.63 5.42 7.18
C ALA A 315 4.52 6.45 7.28
N PRO A 316 4.71 7.46 8.14
CA PRO A 316 3.75 8.55 8.11
C PRO A 316 3.97 9.39 6.86
N MET A 317 2.93 10.13 6.49
CA MET A 317 3.02 11.08 5.40
C MET A 317 2.81 12.48 5.98
N PRO A 318 3.47 13.48 5.37
CA PRO A 318 3.23 14.86 5.80
C PRO A 318 1.82 15.31 5.40
N TYR A 319 1.27 16.31 6.10
CA TYR A 319 -0.12 16.70 5.96
C TYR A 319 -0.36 17.15 4.53
N TRP A 320 0.64 17.83 3.98
CA TRP A 320 0.52 18.38 2.62
C TRP A 320 0.38 17.31 1.55
N ALA A 321 0.92 16.13 1.81
CA ALA A 321 0.83 15.04 0.83
C ALA A 321 -0.60 14.58 0.59
N PHE A 322 -1.53 14.94 1.47
CA PHE A 322 -2.95 14.63 1.25
C PHE A 322 -3.67 15.69 0.42
N GLY A 323 -2.96 16.74 0.03
CA GLY A 323 -3.54 17.69 -0.91
C GLY A 323 -3.48 17.16 -2.33
N PHE A 324 -4.05 17.90 -3.28
CA PHE A 324 -4.10 17.45 -4.66
C PHE A 324 -2.78 17.69 -5.36
N HIS A 325 -2.34 16.70 -6.15
CA HIS A 325 -1.08 16.73 -6.90
C HIS A 325 -1.34 16.79 -8.42
N GLN A 326 -0.51 17.52 -9.14
CA GLN A 326 -0.66 17.61 -10.59
C GLN A 326 0.67 17.33 -11.26
N CYS A 327 0.66 16.46 -12.28
CA CYS A 327 1.87 16.10 -13.00
C CYS A 327 1.52 15.80 -14.45
N ARG A 328 2.52 15.87 -15.32
CA ARG A 328 2.37 15.37 -16.69
C ARG A 328 3.74 15.08 -17.26
N TRP A 329 3.84 13.97 -17.99
CA TRP A 329 5.03 13.74 -18.79
C TRP A 329 4.82 14.58 -20.03
N GLY A 330 5.67 15.58 -20.25
CA GLY A 330 5.60 16.34 -21.48
C GLY A 330 5.50 17.84 -21.29
N TYR A 331 5.38 18.29 -20.04
CA TYR A 331 5.41 19.72 -19.78
C TYR A 331 6.68 20.29 -20.41
N ARG A 332 6.52 21.37 -21.16
CA ARG A 332 7.56 21.82 -22.08
C ARG A 332 8.62 22.69 -21.40
N ASP A 333 8.19 23.57 -20.51
CA ASP A 333 9.13 24.47 -19.85
C ASP A 333 8.58 25.01 -18.54
N VAL A 334 9.36 25.87 -17.88
CA VAL A 334 8.95 26.45 -16.61
C VAL A 334 7.68 27.26 -16.78
N ASN A 335 7.56 27.94 -17.92
N ASN A 335 7.56 27.94 -17.91
CA ASN A 335 6.39 28.77 -18.21
CA ASN A 335 6.39 28.76 -18.20
C ASN A 335 5.11 27.95 -18.28
C ASN A 335 5.11 27.93 -18.23
N GLU A 336 5.19 26.74 -18.80
CA GLU A 336 4.03 25.87 -18.86
C GLU A 336 3.59 25.41 -17.47
N ILE A 337 4.53 24.94 -16.65
CA ILE A 337 4.15 24.52 -15.29
C ILE A 337 3.66 25.68 -14.44
N GLU A 338 4.20 26.88 -14.68
CA GLU A 338 3.69 28.08 -13.99
C GLU A 338 2.26 28.33 -14.43
N THR A 339 2.02 28.16 -15.72
CA THR A 339 0.70 28.37 -16.30
C THR A 339 -0.32 27.38 -15.73
N VAL A 340 0.09 26.13 -15.56
CA VAL A 340 -0.79 25.12 -14.97
C VAL A 340 -1.21 25.53 -13.56
N VAL A 341 -0.23 25.91 -12.74
CA VAL A 341 -0.48 26.32 -11.37
C VAL A 341 -1.46 27.49 -11.34
N ASP A 342 -1.20 28.48 -12.19
CA ASP A 342 -2.03 29.68 -12.28
C ASP A 342 -3.47 29.34 -12.62
N LYS A 343 -3.63 28.48 -13.62
CA LYS A 343 -4.96 28.11 -14.08
C LYS A 343 -5.74 27.27 -13.08
N TYR A 344 -5.04 26.49 -12.26
CA TYR A 344 -5.72 25.81 -11.14
C TYR A 344 -6.27 26.84 -10.18
N ALA A 345 -5.46 27.86 -9.88
CA ALA A 345 -5.88 28.92 -8.96
C ALA A 345 -7.06 29.65 -9.57
N GLU A 346 -6.96 29.96 -10.87
CA GLU A 346 -8.00 30.70 -11.59
C GLU A 346 -9.33 29.93 -11.63
N ALA A 347 -9.25 28.60 -11.73
CA ALA A 347 -10.42 27.74 -11.65
C ALA A 347 -10.90 27.53 -10.22
N ARG A 348 -10.17 28.07 -9.25
CA ARG A 348 -10.47 27.81 -7.82
C ARG A 348 -10.51 26.32 -7.51
N ILE A 349 -9.63 25.56 -8.16
CA ILE A 349 -9.47 24.14 -7.85
C ILE A 349 -8.22 24.01 -6.99
N PRO A 350 -8.37 23.39 -5.81
CA PRO A 350 -7.23 23.25 -4.89
C PRO A 350 -6.09 22.48 -5.56
N LEU A 351 -4.89 23.02 -5.50
CA LEU A 351 -3.69 22.35 -5.97
C LEU A 351 -2.61 22.55 -4.94
N GLU A 352 -2.05 21.44 -4.44
CA GLU A 352 -1.09 21.50 -3.34
C GLU A 352 0.35 21.38 -3.83
N VAL A 353 0.55 20.48 -4.78
CA VAL A 353 1.89 20.10 -5.23
C VAL A 353 1.95 20.07 -6.73
N MET A 354 2.94 20.77 -7.29
CA MET A 354 3.20 20.71 -8.71
C MET A 354 4.38 19.79 -8.95
N TRP A 355 4.26 18.88 -9.91
CA TRP A 355 5.35 17.93 -10.18
C TRP A 355 5.96 18.16 -11.56
N THR A 356 7.24 17.82 -11.71
CA THR A 356 7.88 17.81 -13.03
C THR A 356 8.36 16.40 -13.33
N ASP A 357 8.02 15.92 -14.52
CA ASP A 357 8.47 14.61 -15.01
C ASP A 357 9.84 14.83 -15.67
N ILE A 358 10.35 13.80 -16.34
CA ILE A 358 11.72 13.80 -16.88
C ILE A 358 12.05 14.97 -17.83
N ASP A 359 11.03 15.71 -18.25
CA ASP A 359 11.24 16.90 -19.08
C ASP A 359 12.20 17.91 -18.46
N TYR A 360 12.22 17.98 -17.14
CA TYR A 360 12.98 19.03 -16.47
C TYR A 360 14.48 18.79 -16.57
N MET A 361 14.87 17.54 -16.78
CA MET A 361 16.28 17.18 -16.76
C MET A 361 16.96 17.67 -18.02
N ASP A 362 18.28 17.83 -17.95
CA ASP A 362 19.07 18.01 -19.16
C ASP A 362 19.25 16.66 -19.84
N ALA A 363 18.55 16.46 -20.96
CA ALA A 363 18.65 15.20 -21.71
C ALA A 363 18.48 13.97 -20.82
N PHE A 364 17.46 14.02 -19.95
CA PHE A 364 16.99 12.89 -19.14
C PHE A 364 18.00 12.37 -18.14
N LYS A 365 18.91 13.24 -17.72
CA LYS A 365 19.91 12.91 -16.71
C LYS A 365 19.46 13.38 -15.32
N ASP A 366 19.40 12.44 -14.39
CA ASP A 366 19.11 12.79 -12.98
C ASP A 366 20.02 13.92 -12.53
N PHE A 367 19.50 14.75 -11.63
CA PHE A 367 20.29 15.75 -10.94
C PHE A 367 20.75 16.87 -11.87
N THR A 368 20.06 17.04 -12.99
CA THR A 368 20.33 18.14 -13.89
C THR A 368 19.04 18.86 -14.26
N LEU A 369 19.20 20.07 -14.79
CA LEU A 369 18.08 20.83 -15.31
C LEU A 369 18.40 21.24 -16.75
N ASP A 370 17.40 21.09 -17.61
CA ASP A 370 17.48 21.57 -18.99
C ASP A 370 17.77 23.07 -19.00
N PRO A 371 18.96 23.46 -19.50
CA PRO A 371 19.38 24.87 -19.41
C PRO A 371 18.50 25.81 -20.22
N VAL A 372 17.85 25.30 -21.25
CA VAL A 372 16.99 26.11 -22.11
C VAL A 372 15.55 26.20 -21.59
N HIS A 373 14.95 25.06 -21.28
CA HIS A 373 13.52 25.02 -20.94
C HIS A 373 13.24 25.03 -19.44
N PHE A 374 14.19 24.55 -18.64
CA PHE A 374 14.01 24.60 -17.19
C PHE A 374 15.24 25.17 -16.48
N PRO A 375 15.67 26.40 -16.87
CA PRO A 375 16.90 26.94 -16.29
C PRO A 375 16.83 27.03 -14.77
N LEU A 376 17.96 26.81 -14.12
CA LEU A 376 18.04 26.80 -12.65
C LEU A 376 17.43 28.05 -12.01
N ASP A 377 17.70 29.22 -12.55
CA ASP A 377 17.23 30.46 -11.94
C ASP A 377 15.69 30.59 -12.00
N LYS A 378 15.11 30.26 -13.15
CA LYS A 378 13.65 30.30 -13.27
C LYS A 378 12.98 29.19 -12.47
N MET A 379 13.65 28.05 -12.36
CA MET A 379 13.13 26.95 -11.54
C MET A 379 13.20 27.32 -10.06
N GLN A 380 14.29 27.96 -9.68
CA GLN A 380 14.41 28.47 -8.32
C GLN A 380 13.31 29.46 -8.03
N GLN A 381 13.03 30.34 -8.99
CA GLN A 381 11.98 31.33 -8.82
C GLN A 381 10.61 30.66 -8.73
N PHE A 382 10.35 29.72 -9.63
CA PHE A 382 9.11 28.96 -9.66
C PHE A 382 8.81 28.24 -8.34
N VAL A 383 9.82 27.56 -7.78
CA VAL A 383 9.64 26.82 -6.53
C VAL A 383 9.42 27.77 -5.36
N THR A 384 10.20 28.86 -5.31
CA THR A 384 10.04 29.89 -4.29
C THR A 384 8.62 30.42 -4.28
N LYS A 385 8.08 30.66 -5.46
CA LYS A 385 6.72 31.19 -5.59
C LYS A 385 5.68 30.15 -5.13
N LEU A 386 5.88 28.89 -5.49
CA LEU A 386 5.07 27.80 -4.94
C LEU A 386 5.08 27.88 -3.42
N HIS A 387 6.26 27.95 -2.82
CA HIS A 387 6.40 27.93 -1.37
C HIS A 387 5.76 29.13 -0.68
N ARG A 388 5.81 30.29 -1.33
CA ARG A 388 5.17 31.50 -0.81
C ARG A 388 3.65 31.38 -0.86
N ASN A 389 3.14 30.56 -1.77
CA ASN A 389 1.70 30.35 -1.90
C ASN A 389 1.20 29.11 -1.15
N GLY A 390 2.05 28.55 -0.29
CA GLY A 390 1.68 27.38 0.49
C GLY A 390 1.70 26.09 -0.31
N GLN A 391 2.38 26.10 -1.46
CA GLN A 391 2.43 24.92 -2.34
C GLN A 391 3.81 24.25 -2.32
N ARG A 392 3.89 23.05 -2.90
CA ARG A 392 5.10 22.25 -2.87
C ARG A 392 5.48 21.70 -4.23
N TYR A 393 6.69 21.16 -4.31
CA TYR A 393 7.26 20.72 -5.58
C TYR A 393 7.89 19.34 -5.44
N VAL A 394 7.58 18.44 -6.38
CA VAL A 394 8.16 17.11 -6.37
C VAL A 394 8.68 16.75 -7.77
N PRO A 395 9.99 16.50 -7.90
CA PRO A 395 10.51 16.01 -9.18
C PRO A 395 10.74 14.50 -9.23
N ILE A 396 10.82 13.99 -10.45
CA ILE A 396 11.09 12.57 -10.67
C ILE A 396 12.60 12.30 -10.68
N LEU A 397 12.99 11.10 -10.23
CA LEU A 397 14.32 10.56 -10.46
C LEU A 397 14.20 9.13 -10.97
N ASP A 398 15.06 8.76 -11.91
CA ASP A 398 15.17 7.38 -12.38
C ASP A 398 16.43 6.79 -11.77
N PRO A 399 16.54 5.45 -11.74
CA PRO A 399 17.75 4.95 -11.09
C PRO A 399 18.97 4.93 -12.01
N GLY A 400 18.76 4.68 -13.29
CA GLY A 400 19.88 4.59 -14.22
C GLY A 400 20.62 5.91 -14.42
N ILE A 401 21.95 5.85 -14.32
CA ILE A 401 22.80 7.03 -14.49
C ILE A 401 23.46 6.98 -15.87
N ASN A 402 23.24 8.02 -16.66
CA ASN A 402 23.70 8.10 -18.04
C ASN A 402 25.22 7.99 -18.11
N THR A 403 25.72 7.13 -18.99
CA THR A 403 27.16 6.98 -19.17
C THR A 403 27.66 8.12 -20.04
N ASN A 404 27.93 9.26 -19.40
CA ASN A 404 28.24 10.50 -20.11
C ASN A 404 29.48 11.11 -19.45
N LYS A 405 30.56 11.29 -20.22
CA LYS A 405 31.82 11.71 -19.62
C LYS A 405 31.79 13.12 -19.00
N SER A 406 30.94 14.00 -19.51
CA SER A 406 30.83 15.37 -19.00
C SER A 406 29.93 15.48 -17.76
N TYR A 407 29.30 14.35 -17.41
CA TYR A 407 28.24 14.29 -16.39
C TYR A 407 28.81 14.02 -15.01
N GLY A 408 28.68 14.99 -14.11
CA GLY A 408 29.28 14.89 -12.79
C GLY A 408 28.83 13.70 -11.97
N THR A 409 27.55 13.38 -12.06
CA THR A 409 27.02 12.26 -11.30
C THR A 409 27.65 10.94 -11.71
N PHE A 410 27.87 10.78 -13.02
CA PHE A 410 28.45 9.58 -13.57
C PHE A 410 29.87 9.45 -13.07
N ILE A 411 30.60 10.56 -13.11
CA ILE A 411 31.98 10.60 -12.63
C ILE A 411 32.11 10.15 -11.16
N ARG A 412 31.30 10.72 -10.28
CA ARG A 412 31.35 10.39 -8.86
C ARG A 412 30.86 8.95 -8.61
N GLY A 413 29.89 8.50 -9.40
CA GLY A 413 29.45 7.12 -9.34
C GLY A 413 30.56 6.15 -9.68
N MET A 414 31.32 6.43 -10.73
N MET A 414 31.32 6.44 -10.74
CA MET A 414 32.40 5.54 -11.12
CA MET A 414 32.41 5.57 -11.13
C MET A 414 33.55 5.59 -10.13
C MET A 414 33.54 5.60 -10.12
N GLN A 415 33.79 6.78 -9.56
CA GLN A 415 34.86 6.95 -8.57
C GLN A 415 34.58 6.16 -7.30
N SER A 416 33.29 6.00 -6.99
CA SER A 416 32.92 5.26 -5.79
C SER A 416 32.50 3.82 -6.09
N ASN A 417 32.62 3.43 -7.36
CA ASN A 417 32.34 2.06 -7.80
C ASN A 417 30.95 1.62 -7.36
N VAL A 418 29.95 2.45 -7.66
CA VAL A 418 28.61 2.25 -7.09
C VAL A 418 27.69 1.42 -7.98
N PHE A 419 28.15 1.07 -9.18
CA PHE A 419 27.24 0.45 -10.13
C PHE A 419 27.21 -1.08 -10.10
N ILE A 420 26.01 -1.61 -10.32
CA ILE A 420 25.82 -3.05 -10.47
C ILE A 420 26.67 -3.58 -11.64
N LYS A 421 27.31 -4.71 -11.43
CA LYS A 421 28.20 -5.26 -12.44
C LYS A 421 27.74 -6.57 -13.02
N ARG A 422 28.20 -6.87 -14.23
CA ARG A 422 28.01 -8.19 -14.81
C ARG A 422 29.31 -8.55 -15.52
N ASP A 423 29.78 -9.77 -15.30
CA ASP A 423 31.05 -10.21 -15.88
C ASP A 423 32.19 -9.26 -15.49
N GLY A 424 32.12 -8.74 -14.27
CA GLY A 424 33.15 -7.90 -13.70
C GLY A 424 33.11 -6.42 -14.09
N ASN A 425 32.22 -6.07 -15.01
CA ASN A 425 32.12 -4.71 -15.53
C ASN A 425 30.71 -4.14 -15.30
N PRO A 426 30.59 -2.82 -15.16
CA PRO A 426 29.29 -2.21 -14.88
C PRO A 426 28.29 -2.64 -15.93
N TYR A 427 27.10 -3.03 -15.50
CA TYR A 427 26.10 -3.49 -16.43
C TYR A 427 25.47 -2.31 -17.16
N LEU A 428 25.42 -2.42 -18.48
CA LEU A 428 24.97 -1.31 -19.33
C LEU A 428 23.53 -1.51 -19.73
N GLY A 429 22.65 -0.65 -19.24
CA GLY A 429 21.25 -0.71 -19.63
C GLY A 429 20.91 0.39 -20.61
N SER A 430 19.63 0.43 -20.99
CA SER A 430 19.13 1.51 -21.81
C SER A 430 17.86 2.06 -21.16
N VAL A 431 17.86 3.35 -20.83
CA VAL A 431 16.62 4.00 -20.36
C VAL A 431 16.52 5.37 -21.03
N TRP A 432 15.83 6.32 -20.40
CA TRP A 432 15.47 7.56 -21.09
C TRP A 432 16.61 8.38 -21.72
N PRO A 433 17.79 8.46 -21.05
CA PRO A 433 18.89 9.20 -21.69
C PRO A 433 19.74 8.33 -22.60
N GLY A 434 19.33 7.07 -22.78
CA GLY A 434 20.12 6.10 -23.53
C GLY A 434 20.89 5.16 -22.63
N PRO A 435 22.21 5.00 -22.87
CA PRO A 435 23.03 4.10 -22.06
C PRO A 435 23.12 4.54 -20.59
N VAL A 436 22.97 3.57 -19.68
CA VAL A 436 23.03 3.84 -18.26
C VAL A 436 23.73 2.73 -17.50
N TYR A 437 24.28 3.08 -16.33
CA TYR A 437 24.67 2.09 -15.32
C TYR A 437 23.72 2.26 -14.15
N TYR A 438 23.49 1.17 -13.40
CA TYR A 438 22.51 1.18 -12.31
C TYR A 438 23.22 1.13 -10.96
N PRO A 439 22.96 2.13 -10.10
CA PRO A 439 23.53 2.13 -8.74
C PRO A 439 23.11 0.86 -8.03
N ASP A 440 24.03 0.21 -7.33
CA ASP A 440 23.68 -0.97 -6.55
C ASP A 440 23.17 -0.59 -5.16
N PHE A 441 21.86 -0.44 -5.01
CA PHE A 441 21.30 0.04 -3.74
C PHE A 441 21.46 -0.96 -2.59
N LEU A 442 22.02 -2.12 -2.87
CA LEU A 442 22.39 -3.06 -1.81
C LEU A 442 23.76 -2.68 -1.26
N ASP A 443 24.49 -1.86 -2.01
CA ASP A 443 25.82 -1.42 -1.60
C ASP A 443 25.71 -0.14 -0.75
N PRO A 444 26.24 -0.16 0.48
CA PRO A 444 26.28 1.05 1.32
C PRO A 444 26.97 2.21 0.62
N ALA A 445 27.97 1.92 -0.20
CA ALA A 445 28.67 2.96 -0.94
C ALA A 445 27.74 3.65 -1.93
N ALA A 446 26.89 2.85 -2.58
CA ALA A 446 25.94 3.39 -3.52
C ALA A 446 24.88 4.21 -2.83
N ARG A 447 24.47 3.78 -1.63
N ARG A 447 24.47 3.78 -1.64
CA ARG A 447 23.48 4.54 -0.88
CA ARG A 447 23.50 4.53 -0.84
C ARG A 447 24.05 5.89 -0.46
C ARG A 447 24.06 5.89 -0.47
N SER A 448 25.32 5.91 -0.06
CA SER A 448 25.97 7.18 0.32
C SER A 448 26.08 8.10 -0.89
N PHE A 449 26.47 7.52 -2.03
CA PHE A 449 26.49 8.23 -3.31
C PHE A 449 25.12 8.84 -3.64
N TRP A 450 24.06 8.05 -3.49
CA TRP A 450 22.71 8.54 -3.73
C TRP A 450 22.34 9.70 -2.79
N VAL A 451 22.63 9.55 -1.49
CA VAL A 451 22.38 10.63 -0.55
C VAL A 451 23.11 11.90 -0.98
N ASP A 452 24.36 11.74 -1.42
CA ASP A 452 25.18 12.88 -1.79
C ASP A 452 24.64 13.57 -3.03
N GLU A 453 24.19 12.80 -4.02
CA GLU A 453 23.71 13.37 -5.27
C GLU A 453 22.46 14.16 -4.98
N ILE A 454 21.63 13.63 -4.10
CA ILE A 454 20.39 14.31 -3.73
C ILE A 454 20.69 15.58 -2.90
N LYS A 455 21.65 15.49 -1.99
CA LYS A 455 22.09 16.68 -1.23
C LYS A 455 22.64 17.80 -2.13
N ARG A 456 23.45 17.43 -3.13
CA ARG A 456 23.96 18.41 -4.08
C ARG A 456 22.85 19.08 -4.86
N PHE A 457 21.85 18.30 -5.26
CA PHE A 457 20.77 18.82 -6.09
C PHE A 457 19.90 19.72 -5.26
N ARG A 458 19.61 19.26 -4.04
CA ARG A 458 18.77 20.01 -3.12
C ARG A 458 19.41 21.32 -2.74
N ASP A 459 20.74 21.34 -2.75
CA ASP A 459 21.48 22.55 -2.41
C ASP A 459 21.21 23.66 -3.42
N ILE A 460 20.94 23.28 -4.67
CA ILE A 460 20.72 24.28 -5.72
C ILE A 460 19.24 24.48 -6.02
N LEU A 461 18.44 23.43 -5.81
CA LEU A 461 17.01 23.54 -6.08
C LEU A 461 16.19 22.95 -4.95
N PRO A 462 15.41 23.78 -4.26
CA PRO A 462 14.57 23.30 -3.17
C PRO A 462 13.53 22.31 -3.72
N ILE A 463 13.40 21.17 -3.07
CA ILE A 463 12.36 20.21 -3.43
C ILE A 463 11.67 19.79 -2.15
N ASP A 464 10.46 19.26 -2.26
CA ASP A 464 9.69 18.90 -1.08
C ASP A 464 9.50 17.39 -0.93
N GLY A 465 9.79 16.67 -2.00
CA GLY A 465 9.67 15.23 -2.00
C GLY A 465 10.30 14.69 -3.26
N ILE A 466 10.37 13.36 -3.37
CA ILE A 466 10.96 12.75 -4.56
C ILE A 466 10.06 11.64 -5.10
N TRP A 467 9.90 11.60 -6.41
CA TRP A 467 9.21 10.50 -7.10
C TRP A 467 10.28 9.58 -7.70
N ILE A 468 10.39 8.34 -7.22
CA ILE A 468 11.34 7.41 -7.83
C ILE A 468 10.64 6.39 -8.74
N ASP A 469 11.03 6.42 -10.02
CA ASP A 469 10.34 5.67 -11.05
C ASP A 469 11.30 4.67 -11.70
N MET A 470 10.77 3.80 -12.55
CA MET A 470 11.57 2.92 -13.42
C MET A 470 12.48 1.97 -12.62
N ASN A 471 12.09 1.68 -11.38
CA ASN A 471 13.03 1.05 -10.47
C ASN A 471 12.80 -0.45 -10.20
N GLU A 472 12.32 -1.14 -11.23
CA GLU A 472 12.18 -2.59 -11.16
C GLU A 472 13.45 -3.45 -11.05
N ALA A 473 14.57 -3.13 -11.70
CA ALA A 473 14.81 -1.97 -12.56
C ALA A 473 14.36 -2.21 -14.00
N SER A 474 13.86 -1.14 -14.62
CA SER A 474 13.43 -1.17 -16.02
C SER A 474 14.64 -0.98 -16.96
N ASN A 475 14.69 -1.79 -17.99
CA ASN A 475 15.74 -1.72 -18.99
C ASN A 475 15.05 -1.78 -20.35
N PHE A 476 15.45 -0.93 -21.29
CA PHE A 476 14.74 -0.89 -22.58
C PHE A 476 15.22 -2.01 -23.51
N ILE A 477 16.37 -2.59 -23.19
CA ILE A 477 16.86 -3.77 -23.92
C ILE A 477 16.91 -4.99 -23.00
N THR A 478 17.01 -6.17 -23.62
CA THR A 478 17.19 -7.42 -22.90
C THR A 478 18.54 -7.98 -23.31
N SER A 479 19.43 -8.21 -22.36
CA SER A 479 20.77 -8.70 -22.69
C SER A 479 20.75 -10.19 -23.00
N ALA A 480 21.74 -10.66 -23.75
CA ALA A 480 21.87 -12.08 -24.03
C ALA A 480 22.17 -12.80 -22.73
N PRO A 481 21.67 -14.03 -22.57
CA PRO A 481 21.95 -14.82 -21.36
C PRO A 481 23.41 -15.26 -21.28
N THR A 482 23.94 -15.45 -20.09
CA THR A 482 25.30 -15.98 -19.94
C THR A 482 25.26 -17.45 -20.34
N PRO A 483 26.09 -17.84 -21.31
CA PRO A 483 26.04 -19.24 -21.77
C PRO A 483 26.24 -20.19 -20.59
N GLY A 484 25.38 -21.19 -20.47
CA GLY A 484 25.51 -22.19 -19.43
C GLY A 484 24.98 -21.81 -18.06
N SER A 485 24.63 -20.53 -17.87
CA SER A 485 24.09 -20.11 -16.58
C SER A 485 22.65 -20.56 -16.42
N THR A 486 22.35 -21.23 -15.32
CA THR A 486 20.96 -21.58 -15.01
C THR A 486 20.25 -20.45 -14.27
N LEU A 487 20.94 -19.35 -14.03
CA LEU A 487 20.29 -18.16 -13.49
C LEU A 487 19.59 -17.42 -14.62
N ASP A 488 20.33 -17.18 -15.70
CA ASP A 488 19.75 -16.52 -16.89
C ASP A 488 18.77 -17.42 -17.61
N ASN A 489 18.97 -18.73 -17.47
CA ASN A 489 18.08 -19.73 -18.06
C ASN A 489 17.64 -20.73 -16.99
N PRO A 490 16.66 -20.35 -16.16
CA PRO A 490 16.22 -21.16 -15.01
C PRO A 490 15.47 -22.43 -15.45
N PRO A 491 15.59 -23.52 -14.69
CA PRO A 491 14.93 -24.77 -15.07
C PRO A 491 13.40 -24.69 -14.98
N TYR A 492 12.87 -23.87 -14.08
CA TYR A 492 11.43 -23.60 -14.07
C TYR A 492 11.20 -22.15 -14.48
N LYS A 493 10.36 -21.96 -15.50
CA LYS A 493 10.05 -20.63 -16.02
C LYS A 493 8.80 -20.10 -15.34
N ILE A 494 8.91 -19.01 -14.58
CA ILE A 494 7.72 -18.36 -14.02
C ILE A 494 6.97 -17.65 -15.12
N ASN A 495 5.70 -17.33 -14.88
CA ASN A 495 4.83 -16.84 -15.96
C ASN A 495 4.96 -15.34 -16.18
N ASN A 496 6.21 -14.89 -16.36
CA ASN A 496 6.55 -13.49 -16.60
C ASN A 496 5.81 -12.95 -17.82
N SER A 497 5.09 -11.84 -17.63
CA SER A 497 4.31 -11.20 -18.70
C SER A 497 3.27 -12.14 -19.30
N GLY A 498 2.85 -13.14 -18.53
CA GLY A 498 1.77 -14.00 -18.97
C GLY A 498 2.14 -14.95 -20.09
N GLY A 499 3.43 -15.02 -20.42
CA GLY A 499 3.86 -15.86 -21.51
C GLY A 499 5.14 -16.63 -21.25
N ARG A 500 5.43 -16.93 -19.98
CA ARG A 500 6.66 -17.61 -19.59
C ARG A 500 7.90 -16.91 -20.14
N VAL A 501 7.86 -15.59 -20.13
CA VAL A 501 8.92 -14.79 -20.74
C VAL A 501 10.16 -14.89 -19.87
N PRO A 502 11.36 -15.00 -20.48
CA PRO A 502 12.57 -15.07 -19.67
C PRO A 502 12.64 -13.96 -18.63
N ILE A 503 13.07 -14.31 -17.42
CA ILE A 503 13.08 -13.33 -16.34
C ILE A 503 13.99 -12.12 -16.62
N ASN A 504 14.96 -12.26 -17.53
CA ASN A 504 15.85 -11.16 -17.84
C ASN A 504 15.24 -10.11 -18.75
N SER A 505 14.03 -10.36 -19.21
CA SER A 505 13.41 -9.48 -20.20
C SER A 505 13.22 -8.07 -19.67
N LYS A 506 13.81 -7.10 -20.37
CA LYS A 506 13.62 -5.66 -20.06
C LYS A 506 14.00 -5.32 -18.61
N THR A 507 15.03 -5.97 -18.09
CA THR A 507 15.56 -5.65 -16.78
C THR A 507 17.05 -5.97 -16.72
N ILE A 508 17.59 -6.05 -15.51
CA ILE A 508 19.01 -6.36 -15.28
C ILE A 508 19.10 -7.87 -15.25
N PRO A 509 20.07 -8.46 -15.99
CA PRO A 509 20.13 -9.93 -16.04
C PRO A 509 20.41 -10.56 -14.68
N ALA A 510 19.93 -11.79 -14.48
CA ALA A 510 20.03 -12.51 -13.21
C ALA A 510 21.47 -12.76 -12.79
N THR A 511 22.33 -12.85 -13.78
CA THR A 511 23.74 -13.04 -13.51
C THR A 511 24.47 -11.77 -13.10
N ALA A 512 23.80 -10.62 -13.10
CA ALA A 512 24.46 -9.41 -12.60
C ALA A 512 24.74 -9.58 -11.11
N MET A 513 25.74 -8.86 -10.62
N MET A 513 25.74 -8.87 -10.61
CA MET A 513 26.21 -9.03 -9.24
CA MET A 513 26.20 -9.05 -9.24
C MET A 513 25.98 -7.80 -8.38
C MET A 513 26.00 -7.81 -8.38
N HIS A 514 25.66 -8.02 -7.12
CA HIS A 514 25.50 -6.93 -6.16
C HIS A 514 26.51 -7.08 -5.05
N TYR A 515 26.53 -6.07 -4.19
CA TYR A 515 27.34 -6.06 -2.98
C TYR A 515 27.21 -7.36 -2.19
N GLY A 516 28.34 -7.93 -1.80
CA GLY A 516 28.35 -9.14 -1.00
C GLY A 516 28.21 -10.39 -1.84
N ASN A 517 28.60 -10.29 -3.11
CA ASN A 517 28.37 -11.33 -4.08
C ASN A 517 26.93 -11.85 -4.11
N VAL A 518 25.98 -10.93 -4.19
CA VAL A 518 24.57 -11.29 -4.29
C VAL A 518 24.14 -11.20 -5.74
N THR A 519 23.47 -12.23 -6.25
CA THR A 519 23.04 -12.24 -7.64
C THR A 519 21.77 -11.41 -7.80
N GLU A 520 21.61 -10.83 -8.98
CA GLU A 520 20.38 -10.14 -9.34
C GLU A 520 19.24 -11.13 -9.28
N TYR A 521 19.53 -12.38 -9.64
CA TYR A 521 18.54 -13.46 -9.52
C TYR A 521 17.84 -13.43 -8.15
N ASN A 522 18.62 -13.28 -7.09
CA ASN A 522 18.07 -13.31 -5.74
C ASN A 522 17.56 -11.95 -5.27
N ALA A 523 18.25 -10.90 -5.68
CA ALA A 523 17.99 -9.55 -5.17
C ALA A 523 17.09 -8.69 -6.05
N HIS A 524 16.78 -9.16 -7.26
CA HIS A 524 15.94 -8.41 -8.21
C HIS A 524 14.73 -7.71 -7.58
N ASN A 525 13.88 -8.47 -6.90
CA ASN A 525 12.63 -7.93 -6.36
C ASN A 525 12.85 -6.90 -5.26
N LEU A 526 14.09 -6.73 -4.81
CA LEU A 526 14.38 -5.79 -3.74
C LEU A 526 14.85 -4.42 -4.23
N TYR A 527 15.09 -4.27 -5.53
CA TYR A 527 15.73 -3.03 -6.02
C TYR A 527 14.95 -1.74 -5.70
N GLY A 528 13.67 -1.70 -6.09
CA GLY A 528 12.87 -0.51 -5.83
C GLY A 528 12.82 -0.23 -4.34
N PHE A 529 12.65 -1.30 -3.56
CA PHE A 529 12.54 -1.25 -2.11
C PHE A 529 13.82 -0.65 -1.54
N LEU A 530 14.96 -1.13 -2.04
CA LEU A 530 16.24 -0.60 -1.60
C LEU A 530 16.44 0.87 -2.01
N GLU A 531 16.04 1.22 -3.23
CA GLU A 531 16.16 2.62 -3.64
C GLU A 531 15.28 3.50 -2.75
N SER A 532 14.14 2.95 -2.32
CA SER A 532 13.24 3.71 -1.45
C SER A 532 13.87 4.01 -0.11
N GLN A 533 14.57 3.01 0.44
CA GLN A 533 15.28 3.21 1.71
C GLN A 533 16.35 4.29 1.57
N ALA A 534 17.15 4.18 0.52
CA ALA A 534 18.23 5.11 0.26
C ALA A 534 17.69 6.51 0.02
N THR A 535 16.57 6.60 -0.68
CA THR A 535 16.00 7.92 -1.00
C THR A 535 15.37 8.56 0.22
N ARG A 536 14.70 7.77 1.05
CA ARG A 536 14.11 8.34 2.26
C ARG A 536 15.24 8.79 3.17
N GLU A 537 16.33 8.02 3.17
CA GLU A 537 17.50 8.39 3.96
C GLU A 537 18.03 9.74 3.48
N ALA A 538 18.15 9.89 2.16
CA ALA A 538 18.66 11.15 1.59
C ALA A 538 17.79 12.37 1.95
N LEU A 539 16.47 12.20 1.86
CA LEU A 539 15.54 13.28 2.22
C LEU A 539 15.64 13.63 3.71
N VAL A 540 15.71 12.60 4.56
CA VAL A 540 15.77 12.82 6.00
C VAL A 540 17.09 13.49 6.41
N ARG A 541 18.15 13.22 5.66
CA ARG A 541 19.45 13.82 5.94
C ARG A 541 19.58 15.25 5.42
N THR A 542 18.66 15.66 4.56
CA THR A 542 18.76 16.96 3.91
C THR A 542 17.63 17.91 4.31
N SER A 543 16.72 17.41 5.14
CA SER A 543 15.63 18.22 5.70
C SER A 543 15.09 17.58 6.96
N ASN A 544 14.80 18.38 7.99
CA ASN A 544 14.23 17.86 9.22
C ASN A 544 12.71 17.63 9.17
N GLU A 545 12.09 17.88 8.02
CA GLU A 545 10.66 17.62 7.89
C GLU A 545 10.39 16.15 7.63
N ARG A 546 9.19 15.70 7.99
CA ARG A 546 8.73 14.39 7.54
C ARG A 546 8.80 14.36 6.02
N PRO A 547 9.50 13.37 5.47
CA PRO A 547 9.71 13.32 4.01
C PRO A 547 8.53 12.75 3.25
N PHE A 548 8.52 12.99 1.95
CA PHE A 548 7.53 12.37 1.09
C PHE A 548 8.24 11.78 -0.13
N LEU A 549 8.00 10.51 -0.39
CA LEU A 549 8.46 9.94 -1.65
C LEU A 549 7.43 8.99 -2.23
N LEU A 550 7.47 8.85 -3.55
CA LEU A 550 6.55 7.98 -4.26
C LEU A 550 7.41 7.02 -5.06
N SER A 551 7.14 5.71 -4.94
CA SER A 551 7.95 4.71 -5.66
C SER A 551 7.09 3.82 -6.55
N ARG A 552 7.62 3.45 -7.70
CA ARG A 552 6.87 2.53 -8.56
C ARG A 552 7.06 1.09 -8.12
N SER A 553 8.30 0.61 -8.22
CA SER A 553 8.57 -0.76 -7.79
C SER A 553 8.61 -0.85 -6.26
N THR A 554 8.04 -1.93 -5.73
CA THR A 554 7.93 -2.12 -4.29
C THR A 554 8.13 -3.60 -3.94
N PHE A 555 8.40 -3.87 -2.66
CA PHE A 555 8.41 -5.23 -2.13
C PHE A 555 7.75 -5.14 -0.75
N ALA A 556 7.37 -6.28 -0.17
CA ALA A 556 6.79 -6.28 1.18
C ALA A 556 7.74 -5.51 2.09
N GLY A 557 7.22 -4.48 2.76
CA GLY A 557 8.04 -3.65 3.62
C GLY A 557 8.24 -2.25 3.08
N SER A 558 7.97 -2.07 1.77
CA SER A 558 8.20 -0.77 1.14
C SER A 558 7.36 0.33 1.79
N GLY A 559 6.23 -0.05 2.39
CA GLY A 559 5.34 0.92 3.01
C GLY A 559 5.98 1.66 4.18
N LYS A 560 7.01 1.06 4.75
CA LYS A 560 7.73 1.69 5.85
C LYS A 560 8.54 2.89 5.33
N TYR A 561 8.62 3.02 4.00
CA TYR A 561 9.49 4.05 3.42
C TYR A 561 8.82 5.00 2.43
N THR A 562 7.73 4.56 1.81
CA THR A 562 7.30 5.26 0.61
C THR A 562 5.83 5.07 0.31
N ALA A 563 5.27 6.03 -0.42
CA ALA A 563 3.96 5.88 -1.06
C ALA A 563 4.14 5.07 -2.36
N HIS A 564 3.05 4.62 -2.95
CA HIS A 564 3.09 3.93 -4.23
C HIS A 564 1.91 4.44 -5.06
N TRP A 565 2.03 4.42 -6.39
CA TRP A 565 0.84 4.64 -7.23
C TRP A 565 0.72 3.48 -8.21
N THR A 566 -0.45 3.33 -8.84
CA THR A 566 -0.68 2.06 -9.55
C THR A 566 0.09 1.96 -10.85
N GLY A 567 0.79 3.01 -11.24
CA GLY A 567 1.67 2.91 -12.39
C GLY A 567 1.00 3.35 -13.69
N ASP A 568 1.48 2.82 -14.79
CA ASP A 568 0.89 3.17 -16.10
C ASP A 568 -0.45 2.51 -16.34
N ASN A 569 -1.51 3.09 -15.79
CA ASN A 569 -2.87 2.66 -16.08
C ASN A 569 -3.27 3.35 -17.37
N ALA A 570 -4.53 3.22 -17.78
CA ALA A 570 -4.96 3.83 -19.03
C ALA A 570 -6.23 4.64 -18.82
N ALA A 571 -6.48 5.59 -19.72
CA ALA A 571 -7.75 6.33 -19.67
C ALA A 571 -8.87 5.46 -20.19
N ARG A 572 -9.25 4.47 -19.39
CA ARG A 572 -10.29 3.52 -19.74
C ARG A 572 -11.23 3.36 -18.56
N TRP A 573 -12.52 3.09 -18.82
CA TRP A 573 -13.44 2.81 -17.73
C TRP A 573 -13.04 1.57 -16.93
N ASP A 574 -12.43 0.59 -17.59
CA ASP A 574 -11.94 -0.58 -16.87
C ASP A 574 -10.95 -0.16 -15.78
N ASP A 575 -9.98 0.67 -16.16
CA ASP A 575 -8.91 1.07 -15.24
C ASP A 575 -9.43 1.93 -14.10
N LEU A 576 -10.49 2.68 -14.37
CA LEU A 576 -11.13 3.47 -13.32
C LEU A 576 -11.53 2.55 -12.18
N GLN A 577 -12.21 1.45 -12.52
CA GLN A 577 -12.59 0.46 -11.52
C GLN A 577 -11.40 -0.31 -10.97
N TYR A 578 -10.43 -0.65 -11.82
CA TYR A 578 -9.25 -1.41 -11.38
C TYR A 578 -8.51 -0.69 -10.23
N SER A 579 -8.59 0.64 -10.22
CA SER A 579 -7.91 1.39 -9.17
C SER A 579 -8.42 1.03 -7.78
N ILE A 580 -9.65 0.52 -7.68
CA ILE A 580 -10.18 0.19 -6.37
C ILE A 580 -9.59 -1.09 -5.75
N PRO A 581 -9.60 -2.24 -6.47
CA PRO A 581 -8.88 -3.37 -5.87
C PRO A 581 -7.40 -3.10 -5.60
N THR A 582 -6.74 -2.29 -6.43
CA THR A 582 -5.30 -2.08 -6.23
C THR A 582 -5.10 -1.20 -5.01
N MET A 583 -5.95 -0.19 -4.86
CA MET A 583 -5.92 0.65 -3.65
C MET A 583 -6.11 -0.20 -2.40
N LEU A 584 -7.12 -1.06 -2.42
CA LEU A 584 -7.37 -1.94 -1.29
C LEU A 584 -6.22 -2.92 -1.05
N ASN A 585 -5.70 -3.50 -2.13
CA ASN A 585 -4.57 -4.42 -2.02
C ASN A 585 -3.39 -3.79 -1.34
N PHE A 586 -3.04 -2.57 -1.75
CA PHE A 586 -1.85 -1.95 -1.14
C PHE A 586 -2.00 -1.61 0.33
N GLY A 587 -3.24 -1.42 0.77
CA GLY A 587 -3.51 -1.31 2.20
C GLY A 587 -3.13 -2.61 2.89
N LEU A 588 -3.56 -3.74 2.35
CA LEU A 588 -3.15 -5.06 2.89
C LEU A 588 -1.64 -5.25 2.86
N PHE A 589 -0.99 -4.64 1.88
CA PHE A 589 0.47 -4.76 1.69
C PHE A 589 1.23 -3.82 2.61
N GLY A 590 0.51 -3.07 3.45
CA GLY A 590 1.16 -2.18 4.39
C GLY A 590 1.63 -0.89 3.75
N MET A 591 1.05 -0.57 2.59
CA MET A 591 1.37 0.68 1.89
C MET A 591 0.09 1.53 1.75
N PRO A 592 -0.35 2.17 2.84
CA PRO A 592 -1.64 2.87 2.79
C PRO A 592 -1.64 4.11 1.90
N MET A 593 -0.49 4.66 1.57
CA MET A 593 -0.49 5.86 0.72
C MET A 593 -0.44 5.41 -0.74
N ILE A 594 -1.62 5.18 -1.31
CA ILE A 594 -1.76 4.56 -2.63
C ILE A 594 -2.76 5.38 -3.42
N GLY A 595 -2.58 5.45 -4.73
CA GLY A 595 -3.56 6.08 -5.61
C GLY A 595 -3.26 5.68 -7.04
N ALA A 596 -4.16 6.07 -7.94
CA ALA A 596 -3.97 5.83 -9.37
C ALA A 596 -3.90 7.18 -10.08
N ASP A 597 -3.25 7.21 -11.24
CA ASP A 597 -3.21 8.44 -12.03
C ASP A 597 -4.63 8.83 -12.48
N ILE A 598 -5.10 9.96 -11.97
CA ILE A 598 -6.48 10.35 -12.18
C ILE A 598 -6.69 10.78 -13.64
N CYS A 599 -7.77 10.26 -14.22
CA CYS A 599 -8.15 10.42 -15.63
C CYS A 599 -7.39 9.49 -16.58
N GLY A 600 -6.36 8.82 -16.07
CA GLY A 600 -5.68 7.76 -16.81
C GLY A 600 -4.33 8.20 -17.34
N PHE A 601 -3.32 7.35 -17.20
CA PHE A 601 -2.00 7.74 -17.68
C PHE A 601 -1.91 7.62 -19.19
N ALA A 602 -2.13 6.42 -19.70
CA ALA A 602 -1.98 6.14 -21.13
C ALA A 602 -3.29 6.34 -21.88
N GLU A 603 -3.19 6.70 -23.16
CA GLU A 603 -4.35 7.00 -24.01
C GLU A 603 -5.07 8.30 -23.60
N SER A 604 -5.76 8.92 -24.55
CA SER A 604 -6.44 10.18 -24.28
C SER A 604 -7.72 9.95 -23.49
N THR A 605 -7.91 10.76 -22.46
CA THR A 605 -9.11 10.67 -21.62
C THR A 605 -10.30 11.33 -22.32
N THR A 606 -11.49 11.20 -21.74
CA THR A 606 -12.65 11.93 -22.23
C THR A 606 -13.17 12.82 -21.13
N GLU A 607 -14.03 13.78 -21.48
CA GLU A 607 -14.63 14.62 -20.46
C GLU A 607 -15.33 13.80 -19.40
N GLU A 608 -16.15 12.83 -19.83
CA GLU A 608 -16.95 12.03 -18.89
C GLU A 608 -16.09 11.11 -18.01
N LEU A 609 -15.12 10.44 -18.62
CA LEU A 609 -14.26 9.55 -17.84
C LEU A 609 -13.48 10.36 -16.83
N CYS A 610 -12.92 11.49 -17.26
CA CYS A 610 -12.11 12.32 -16.37
C CYS A 610 -12.96 12.90 -15.23
N ARG A 611 -14.22 13.21 -15.53
CA ARG A 611 -15.13 13.74 -14.52
C ARG A 611 -15.43 12.68 -13.47
N ARG A 612 -15.71 11.45 -13.91
CA ARG A 612 -16.00 10.36 -12.97
C ARG A 612 -14.74 9.96 -12.22
N TRP A 613 -13.59 10.15 -12.84
CA TRP A 613 -12.31 9.79 -12.22
C TRP A 613 -11.88 10.76 -11.12
N ILE A 614 -12.05 12.07 -11.32
CA ILE A 614 -11.73 12.99 -10.23
C ILE A 614 -12.72 12.80 -9.08
N GLN A 615 -13.96 12.47 -9.40
CA GLN A 615 -14.92 12.15 -8.35
C GLN A 615 -14.45 11.02 -7.46
N LEU A 616 -13.91 9.97 -8.07
CA LEU A 616 -13.39 8.84 -7.32
C LEU A 616 -12.03 9.20 -6.71
N GLY A 617 -11.14 9.73 -7.55
CA GLY A 617 -9.75 9.92 -7.17
C GLY A 617 -9.55 10.97 -6.09
N ALA A 618 -10.55 11.83 -5.92
CA ALA A 618 -10.51 12.81 -4.83
C ALA A 618 -10.54 12.11 -3.47
N PHE A 619 -10.78 10.81 -3.47
CA PHE A 619 -10.82 10.07 -2.20
C PHE A 619 -9.71 9.02 -2.03
N TYR A 620 -8.86 8.86 -3.04
CA TYR A 620 -7.66 8.06 -2.88
C TYR A 620 -6.81 8.68 -1.75
N PRO A 621 -6.13 7.86 -0.96
CA PRO A 621 -5.16 8.42 0.00
C PRO A 621 -4.15 9.30 -0.73
N PHE A 622 -3.63 8.85 -1.88
CA PHE A 622 -2.74 9.67 -2.70
C PHE A 622 -3.44 10.13 -3.98
N SER A 623 -3.72 11.42 -4.07
CA SER A 623 -4.58 11.93 -5.14
C SER A 623 -3.78 12.79 -6.16
N ARG A 624 -3.49 12.22 -7.33
CA ARG A 624 -2.69 12.90 -8.36
C ARG A 624 -3.27 12.69 -9.75
N ASP A 625 -3.36 13.78 -10.49
CA ASP A 625 -3.67 13.76 -11.93
C ASP A 625 -2.33 13.70 -12.64
N HIS A 626 -2.09 12.64 -13.42
CA HIS A 626 -0.85 12.49 -14.20
C HIS A 626 -1.22 11.90 -15.55
N SER A 627 -0.38 12.14 -16.56
N SER A 627 -0.38 12.13 -16.56
CA SER A 627 -0.68 11.71 -17.92
CA SER A 627 -0.67 11.66 -17.92
C SER A 627 0.57 11.55 -18.80
C SER A 627 0.56 11.53 -18.79
N ALA A 628 0.47 10.68 -19.80
CA ALA A 628 1.55 10.48 -20.76
C ALA A 628 1.64 11.64 -21.75
N ARG A 629 2.79 11.80 -22.42
CA ARG A 629 2.98 12.97 -23.28
C ARG A 629 2.28 12.88 -24.63
N ASP A 630 1.96 11.67 -25.08
CA ASP A 630 1.36 11.52 -26.41
C ASP A 630 -0.16 11.47 -26.34
N THR A 631 -0.73 12.08 -25.28
CA THR A 631 -2.17 12.13 -25.09
C THR A 631 -2.59 13.58 -24.96
N THR A 632 -3.89 13.84 -25.03
CA THR A 632 -4.38 15.19 -24.77
C THR A 632 -4.08 15.59 -23.33
N HIS A 633 -4.06 16.89 -23.06
CA HIS A 633 -3.87 17.37 -21.69
C HIS A 633 -5.09 17.06 -20.85
N GLN A 634 -4.90 16.92 -19.54
CA GLN A 634 -6.02 16.55 -18.69
C GLN A 634 -6.01 17.20 -17.31
N GLU A 635 -5.42 18.39 -17.23
CA GLU A 635 -5.59 19.20 -16.02
C GLU A 635 -7.10 19.40 -15.78
N LEU A 636 -7.47 19.50 -14.51
CA LEU A 636 -8.88 19.48 -14.13
C LEU A 636 -9.69 20.70 -14.59
N TYR A 637 -8.99 21.76 -14.95
CA TYR A 637 -9.65 23.01 -15.33
C TYR A 637 -10.07 23.04 -16.80
N LEU A 638 -9.57 22.09 -17.59
CA LEU A 638 -9.81 22.06 -19.03
C LEU A 638 -11.28 21.88 -19.46
N TRP A 639 -12.07 21.18 -18.65
CA TRP A 639 -13.50 21.04 -18.91
C TRP A 639 -14.27 21.59 -17.73
N GLU A 640 -15.36 22.32 -17.99
CA GLU A 640 -16.11 22.87 -16.86
C GLU A 640 -16.76 21.80 -16.00
N SER A 641 -17.30 20.76 -16.64
CA SER A 641 -17.95 19.71 -15.86
C SER A 641 -16.93 19.00 -14.94
N VAL A 642 -15.72 18.83 -15.44
CA VAL A 642 -14.66 18.22 -14.64
C VAL A 642 -14.25 19.20 -13.53
N ALA A 643 -14.06 20.47 -13.87
CA ALA A 643 -13.64 21.49 -12.91
C ALA A 643 -14.67 21.66 -11.80
N ALA A 644 -15.96 21.69 -12.14
CA ALA A 644 -17.02 21.81 -11.15
C ALA A 644 -17.08 20.62 -10.20
N SER A 645 -17.01 19.40 -10.75
CA SER A 645 -16.93 18.19 -9.92
C SER A 645 -15.72 18.26 -9.01
N ALA A 646 -14.59 18.69 -9.56
CA ALA A 646 -13.32 18.75 -8.83
C ALA A 646 -13.45 19.65 -7.59
N ARG A 647 -14.06 20.81 -7.77
CA ARG A 647 -14.28 21.73 -6.65
C ARG A 647 -15.17 21.09 -5.57
N THR A 648 -16.24 20.43 -5.99
CA THR A 648 -17.15 19.77 -5.03
C THR A 648 -16.44 18.65 -4.29
N VAL A 649 -15.79 17.74 -5.01
CA VAL A 649 -15.19 16.58 -4.34
C VAL A 649 -13.89 16.91 -3.63
N LEU A 650 -13.03 17.75 -4.24
CA LEU A 650 -11.83 18.14 -3.51
C LEU A 650 -12.23 19.04 -2.34
N GLY A 651 -13.38 19.69 -2.47
CA GLY A 651 -13.91 20.46 -1.35
C GLY A 651 -14.12 19.54 -0.16
N LEU A 652 -14.79 18.42 -0.39
CA LEU A 652 -15.10 17.50 0.70
C LEU A 652 -13.84 16.81 1.19
N ARG A 653 -12.97 16.42 0.26
CA ARG A 653 -11.69 15.81 0.66
C ARG A 653 -10.97 16.74 1.61
N TYR A 654 -10.93 18.03 1.26
CA TYR A 654 -10.15 18.96 2.05
C TYR A 654 -10.77 19.18 3.42
N GLN A 655 -12.10 19.21 3.49
CA GLN A 655 -12.77 19.24 4.80
C GLN A 655 -12.43 17.99 5.61
N LEU A 656 -12.14 16.89 4.92
CA LEU A 656 -11.81 15.64 5.57
C LEU A 656 -10.32 15.51 5.85
N LEU A 657 -9.55 16.56 5.58
CA LEU A 657 -8.10 16.47 5.79
C LEU A 657 -7.73 16.01 7.23
N PRO A 658 -8.36 16.61 8.27
CA PRO A 658 -8.01 16.12 9.62
C PRO A 658 -8.32 14.65 9.80
N TYR A 659 -9.33 14.16 9.08
CA TYR A 659 -9.72 12.77 9.16
C TYR A 659 -8.70 11.87 8.45
N TYR A 660 -8.37 12.21 7.21
CA TYR A 660 -7.35 11.46 6.49
C TYR A 660 -6.06 11.43 7.27
N TYR A 661 -5.72 12.56 7.88
CA TYR A 661 -4.47 12.66 8.62
C TYR A 661 -4.51 11.73 9.83
N THR A 662 -5.66 11.66 10.49
CA THR A 662 -5.82 10.80 11.66
C THR A 662 -5.71 9.33 11.26
N LEU A 663 -6.27 9.00 10.09
CA LEU A 663 -6.18 7.63 9.57
C LEU A 663 -4.74 7.29 9.22
N MET A 664 -3.99 8.29 8.78
CA MET A 664 -2.60 8.08 8.45
C MET A 664 -1.86 7.74 9.75
N TYR A 665 -2.22 8.43 10.82
CA TYR A 665 -1.67 8.15 12.15
C TYR A 665 -2.03 6.73 12.62
N ASP A 666 -3.29 6.35 12.48
CA ASP A 666 -3.71 4.99 12.85
C ASP A 666 -2.94 3.95 12.04
N ALA A 667 -2.64 4.26 10.79
CA ALA A 667 -1.97 3.31 9.91
C ALA A 667 -0.54 3.07 10.36
N ASN A 668 0.14 4.16 10.69
CA ASN A 668 1.50 4.04 11.24
C ASN A 668 1.51 3.31 12.57
N LEU A 669 0.46 3.53 13.37
CA LEU A 669 0.36 2.93 14.69
C LEU A 669 0.03 1.44 14.65
N ARG A 670 -0.93 1.06 13.81
CA ARG A 670 -1.52 -0.28 13.83
C ARG A 670 -1.47 -1.01 12.49
N GLY A 671 -1.05 -0.32 11.44
CA GLY A 671 -1.05 -0.91 10.10
C GLY A 671 -2.40 -0.88 9.40
N ILE A 672 -3.42 -0.33 10.05
CA ILE A 672 -4.76 -0.31 9.45
C ILE A 672 -4.81 0.70 8.29
N PRO A 673 -5.26 0.26 7.11
CA PRO A 673 -5.27 1.08 5.91
C PRO A 673 -6.24 2.24 6.00
N ILE A 674 -5.90 3.34 5.34
CA ILE A 674 -6.76 4.51 5.25
C ILE A 674 -7.99 4.18 4.41
N ALA A 675 -7.73 3.67 3.20
CA ALA A 675 -8.79 3.16 2.33
C ALA A 675 -8.86 1.66 2.56
N ARG A 676 -9.98 1.20 3.10
CA ARG A 676 -10.10 -0.17 3.56
C ARG A 676 -11.34 -0.85 3.01
N PRO A 677 -11.31 -2.19 2.90
CA PRO A 677 -12.44 -2.96 2.39
C PRO A 677 -13.60 -2.84 3.35
N LEU A 678 -14.82 -2.95 2.83
CA LEU A 678 -16.00 -2.88 3.69
C LEU A 678 -15.93 -3.92 4.80
N PHE A 679 -15.33 -5.07 4.52
CA PHE A 679 -15.29 -6.13 5.52
C PHE A 679 -14.35 -5.87 6.68
N PHE A 680 -13.57 -4.79 6.61
CA PHE A 680 -12.79 -4.38 7.78
C PHE A 680 -13.69 -3.88 8.90
N THR A 681 -14.76 -3.16 8.53
CA THR A 681 -15.72 -2.67 9.52
C THR A 681 -16.83 -3.66 9.75
N PHE A 682 -17.18 -4.41 8.69
CA PHE A 682 -18.27 -5.37 8.76
C PHE A 682 -17.82 -6.78 8.42
N PRO A 683 -16.92 -7.36 9.23
CA PRO A 683 -16.41 -8.69 8.86
C PRO A 683 -17.44 -9.81 8.99
N ASP A 684 -18.55 -9.54 9.68
N ASP A 684 -18.55 -9.54 9.67
CA ASP A 684 -19.59 -10.53 9.85
CA ASP A 684 -19.61 -10.53 9.84
C ASP A 684 -20.59 -10.52 8.70
C ASP A 684 -20.55 -10.58 8.65
N ASP A 685 -20.38 -9.62 7.74
CA ASP A 685 -21.25 -9.53 6.58
C ASP A 685 -20.54 -10.11 5.36
N VAL A 686 -20.88 -11.36 5.03
CA VAL A 686 -20.23 -12.09 3.95
C VAL A 686 -20.44 -11.42 2.59
N ALA A 687 -21.54 -10.70 2.45
CA ALA A 687 -21.80 -9.97 1.21
C ALA A 687 -20.71 -8.94 0.88
N THR A 688 -19.98 -8.48 1.90
CA THR A 688 -18.94 -7.48 1.64
C THR A 688 -17.64 -8.09 1.13
N TYR A 689 -17.48 -9.41 1.26
CA TYR A 689 -16.20 -10.05 0.90
C TYR A 689 -15.92 -9.90 -0.59
N GLY A 690 -16.98 -10.02 -1.40
CA GLY A 690 -16.83 -9.98 -2.83
C GLY A 690 -16.93 -8.60 -3.45
N ILE A 691 -17.11 -7.57 -2.63
CA ILE A 691 -17.22 -6.20 -3.13
C ILE A 691 -15.88 -5.71 -3.69
N SER A 692 -15.90 -5.13 -4.89
CA SER A 692 -14.68 -4.62 -5.51
C SER A 692 -14.86 -3.22 -6.08
N SER A 693 -16.04 -2.64 -5.91
CA SER A 693 -16.32 -1.32 -6.50
C SER A 693 -16.76 -0.26 -5.50
N GLN A 694 -16.62 -0.58 -4.20
CA GLN A 694 -16.86 0.37 -3.11
C GLN A 694 -15.76 0.12 -2.10
N PHE A 695 -15.50 1.12 -1.25
CA PHE A 695 -14.48 0.99 -0.24
C PHE A 695 -14.80 1.98 0.87
N LEU A 696 -14.11 1.84 1.99
CA LEU A 696 -14.30 2.74 3.11
C LEU A 696 -13.09 3.66 3.21
N ILE A 697 -13.33 4.89 3.66
CA ILE A 697 -12.24 5.72 4.15
C ILE A 697 -12.39 5.74 5.66
N GLY A 698 -11.46 5.09 6.35
CA GLY A 698 -11.59 4.93 7.80
C GLY A 698 -12.72 3.98 8.09
N ARG A 699 -13.26 4.02 9.31
CA ARG A 699 -14.22 3.00 9.73
C ARG A 699 -15.61 3.12 9.10
N GLY A 700 -16.12 4.34 8.96
CA GLY A 700 -17.55 4.52 8.73
C GLY A 700 -17.95 5.37 7.56
N ILE A 701 -16.99 5.75 6.74
CA ILE A 701 -17.29 6.53 5.54
C ILE A 701 -17.12 5.63 4.30
N MET A 702 -18.17 5.50 3.50
CA MET A 702 -18.16 4.62 2.34
C MET A 702 -18.26 5.40 1.03
N VAL A 703 -17.40 5.07 0.09
CA VAL A 703 -17.39 5.71 -1.24
C VAL A 703 -17.92 4.71 -2.26
N SER A 704 -18.93 5.14 -3.03
CA SER A 704 -19.61 4.28 -4.00
C SER A 704 -19.67 4.97 -5.36
N PRO A 705 -18.57 4.89 -6.14
CA PRO A 705 -18.43 5.67 -7.38
C PRO A 705 -19.25 5.11 -8.52
N VAL A 706 -19.61 5.97 -9.48
CA VAL A 706 -20.12 5.48 -10.76
C VAL A 706 -18.91 5.05 -11.58
N LEU A 707 -18.97 3.86 -12.18
CA LEU A 707 -17.82 3.31 -12.90
C LEU A 707 -18.19 2.90 -14.34
N GLN A 708 -19.29 3.44 -14.84
CA GLN A 708 -19.81 3.11 -16.17
C GLN A 708 -20.11 4.38 -16.95
N PRO A 709 -19.77 4.38 -18.24
CA PRO A 709 -20.11 5.54 -19.08
C PRO A 709 -21.62 5.67 -19.25
N GLY A 710 -22.15 6.88 -19.16
CA GLY A 710 -23.56 7.11 -19.39
C GLY A 710 -24.50 6.78 -18.25
N ALA A 711 -23.93 6.33 -17.13
CA ALA A 711 -24.73 5.96 -15.97
C ALA A 711 -25.03 7.19 -15.11
N VAL A 712 -26.26 7.28 -14.63
CA VAL A 712 -26.65 8.36 -13.76
C VAL A 712 -27.19 7.77 -12.47
N SER A 713 -26.82 6.51 -12.24
CA SER A 713 -27.13 5.80 -11.00
C SER A 713 -26.09 4.70 -10.77
N VAL A 714 -26.00 4.21 -9.54
CA VAL A 714 -25.06 3.13 -9.23
C VAL A 714 -25.68 2.17 -8.23
N ASN A 715 -25.59 0.88 -8.52
CA ASN A 715 -26.10 -0.13 -7.60
C ASN A 715 -25.02 -0.38 -6.56
N ALA A 716 -25.27 0.08 -5.34
CA ALA A 716 -24.23 0.04 -4.31
C ALA A 716 -24.67 -0.76 -3.11
N TYR A 717 -23.78 -1.57 -2.56
CA TYR A 717 -24.10 -2.35 -1.36
C TYR A 717 -24.05 -1.51 -0.09
N PHE A 718 -25.14 -1.55 0.69
CA PHE A 718 -25.15 -0.90 2.00
C PHE A 718 -25.26 -1.92 3.13
N PRO A 719 -24.22 -1.97 3.98
CA PRO A 719 -24.30 -2.78 5.20
C PRO A 719 -25.45 -2.30 6.07
N ARG A 720 -25.95 -3.18 6.94
CA ARG A 720 -27.08 -2.88 7.81
C ARG A 720 -26.97 -1.53 8.52
N GLY A 721 -28.07 -0.78 8.55
CA GLY A 721 -28.11 0.45 9.31
C GLY A 721 -28.40 1.72 8.52
N ASN A 722 -28.15 2.87 9.17
CA ASN A 722 -28.44 4.19 8.60
C ASN A 722 -27.18 4.86 8.08
N TRP A 723 -27.25 5.37 6.85
CA TRP A 723 -26.10 5.99 6.19
C TRP A 723 -26.50 7.36 5.68
N PHE A 724 -25.66 8.37 5.88
CA PHE A 724 -26.01 9.72 5.50
C PHE A 724 -25.04 10.30 4.48
N SER A 725 -25.57 10.95 3.44
CA SER A 725 -24.70 11.54 2.42
C SER A 725 -23.86 12.66 3.02
N LEU A 726 -22.56 12.64 2.77
CA LEU A 726 -21.69 13.72 3.25
C LEU A 726 -21.87 15.00 2.44
N PHE A 727 -22.54 14.90 1.29
CA PHE A 727 -22.78 16.05 0.42
C PHE A 727 -24.14 16.66 0.67
N ASN A 728 -24.99 15.93 1.39
CA ASN A 728 -26.34 16.40 1.72
C ASN A 728 -26.86 15.57 2.88
N TYR A 729 -26.79 16.11 4.09
CA TYR A 729 -27.12 15.34 5.30
C TYR A 729 -28.59 14.91 5.34
N THR A 730 -29.45 15.58 4.57
CA THR A 730 -30.87 15.21 4.47
C THR A 730 -31.04 13.92 3.69
N SER A 731 -30.07 13.61 2.82
CA SER A 731 -30.14 12.41 2.01
C SER A 731 -29.54 11.20 2.71
N SER A 732 -30.35 10.16 2.88
CA SER A 732 -29.94 8.99 3.66
C SER A 732 -30.43 7.67 3.07
N VAL A 733 -29.74 6.60 3.47
CA VAL A 733 -30.14 5.23 3.14
C VAL A 733 -30.27 4.50 4.47
N SER A 734 -31.41 3.85 4.68
CA SER A 734 -31.63 3.11 5.92
C SER A 734 -32.06 1.71 5.53
N VAL A 735 -31.26 0.71 5.89
CA VAL A 735 -31.56 -0.66 5.52
C VAL A 735 -31.55 -1.54 6.76
N SER A 736 -32.59 -2.37 6.90
CA SER A 736 -32.75 -3.21 8.09
C SER A 736 -31.81 -4.40 8.04
N ALA A 737 -31.34 -4.70 6.83
CA ALA A 737 -30.30 -5.71 6.62
C ALA A 737 -29.49 -5.27 5.40
N GLY A 738 -28.26 -5.78 5.31
CA GLY A 738 -27.39 -5.38 4.21
C GLY A 738 -27.99 -5.70 2.86
N THR A 739 -28.03 -4.70 1.98
CA THR A 739 -28.54 -4.93 0.63
C THR A 739 -28.08 -3.89 -0.39
N TYR A 740 -28.23 -4.23 -1.66
CA TYR A 740 -27.95 -3.29 -2.74
C TYR A 740 -29.05 -2.25 -2.87
N VAL A 741 -28.63 -1.01 -3.07
CA VAL A 741 -29.53 0.12 -3.24
C VAL A 741 -29.11 0.84 -4.50
N SER A 742 -30.08 1.16 -5.35
CA SER A 742 -29.79 1.84 -6.62
C SER A 742 -29.68 3.34 -6.39
N LEU A 743 -28.47 3.84 -6.15
CA LEU A 743 -28.31 5.25 -5.77
C LEU A 743 -28.38 6.18 -6.97
N SER A 744 -29.07 7.31 -6.81
CA SER A 744 -29.00 8.36 -7.84
C SER A 744 -27.58 8.88 -7.89
N ALA A 745 -27.06 9.05 -9.10
CA ALA A 745 -25.72 9.55 -9.25
C ALA A 745 -25.59 10.43 -10.49
N PRO A 746 -26.10 11.66 -10.40
CA PRO A 746 -26.07 12.61 -11.51
C PRO A 746 -24.63 12.83 -11.99
N PRO A 747 -24.45 13.38 -13.21
CA PRO A 747 -23.12 13.56 -13.79
C PRO A 747 -22.11 14.24 -12.87
N ASP A 748 -22.59 15.16 -12.03
CA ASP A 748 -21.71 15.98 -11.19
C ASP A 748 -21.54 15.40 -9.78
N HIS A 749 -22.14 14.24 -9.51
CA HIS A 749 -22.23 13.74 -8.14
C HIS A 749 -21.53 12.38 -7.96
N ILE A 750 -20.87 12.20 -6.81
CA ILE A 750 -20.44 10.88 -6.37
C ILE A 750 -21.03 10.59 -5.00
N ASN A 751 -21.48 9.35 -4.80
CA ASN A 751 -22.04 8.96 -3.51
C ASN A 751 -20.96 8.68 -2.47
N VAL A 752 -21.06 9.40 -1.35
CA VAL A 752 -20.17 9.22 -0.20
C VAL A 752 -21.01 9.32 1.05
N HIS A 753 -21.05 8.24 1.82
CA HIS A 753 -21.96 8.17 2.97
C HIS A 753 -21.22 7.85 4.25
N ILE A 754 -21.73 8.41 5.35
CA ILE A 754 -21.24 8.09 6.68
C ILE A 754 -22.24 7.22 7.45
N HIS A 755 -21.74 6.19 8.12
CA HIS A 755 -22.59 5.24 8.86
C HIS A 755 -22.86 5.73 10.28
N GLU A 756 -24.03 5.36 10.82
CA GLU A 756 -24.33 5.63 12.22
C GLU A 756 -23.23 5.08 13.14
N GLY A 757 -23.00 5.76 14.25
CA GLY A 757 -22.07 5.27 15.26
C GLY A 757 -20.70 5.89 15.11
N ASN A 758 -20.60 6.85 14.20
CA ASN A 758 -19.31 7.49 13.92
C ASN A 758 -19.31 8.99 14.10
N ILE A 759 -18.16 9.51 14.51
CA ILE A 759 -17.95 10.94 14.70
C ILE A 759 -16.71 11.32 13.90
N VAL A 760 -16.82 12.34 13.05
CA VAL A 760 -15.69 12.77 12.22
C VAL A 760 -15.43 14.25 12.40
N ALA A 761 -14.19 14.59 12.70
CA ALA A 761 -13.80 15.97 12.88
C ALA A 761 -13.36 16.52 11.53
N MET A 762 -14.00 17.60 11.10
N MET A 762 -13.98 17.60 11.10
CA MET A 762 -13.68 18.23 9.82
CA MET A 762 -13.64 18.20 9.82
C MET A 762 -13.11 19.61 10.04
C MET A 762 -13.12 19.61 10.03
N GLN A 763 -12.43 20.12 9.02
CA GLN A 763 -12.08 21.55 9.00
C GLN A 763 -12.67 22.12 7.72
N GLY A 764 -12.38 23.40 7.44
CA GLY A 764 -13.00 24.04 6.31
C GLY A 764 -12.29 23.80 4.99
N GLU A 765 -12.97 24.11 3.91
CA GLU A 765 -12.37 24.07 2.59
C GLU A 765 -11.38 25.22 2.46
N ALA A 766 -10.34 25.01 1.67
CA ALA A 766 -9.37 26.06 1.35
C ALA A 766 -8.59 25.61 0.13
N MET A 767 -7.74 26.50 -0.40
N MET A 767 -7.73 26.49 -0.40
CA MET A 767 -6.98 26.22 -1.63
CA MET A 767 -7.00 26.18 -1.62
C MET A 767 -5.69 25.45 -1.34
C MET A 767 -5.69 25.46 -1.35
N THR A 768 -5.25 25.51 -0.10
CA THR A 768 -4.02 24.83 0.31
C THR A 768 -4.32 24.15 1.63
N THR A 769 -3.54 23.12 1.97
CA THR A 769 -3.73 22.44 3.23
C THR A 769 -3.39 23.34 4.42
N GLN A 770 -2.40 24.21 4.25
CA GLN A 770 -2.01 25.16 5.29
C GLN A 770 -3.18 26.08 5.63
N ALA A 771 -3.86 26.58 4.60
CA ALA A 771 -5.01 27.45 4.81
C ALA A 771 -6.16 26.66 5.42
N ALA A 772 -6.32 25.41 5.00
CA ALA A 772 -7.38 24.56 5.55
C ALA A 772 -7.20 24.36 7.06
N ARG A 773 -5.96 24.20 7.49
CA ARG A 773 -5.66 23.95 8.89
C ARG A 773 -5.86 25.18 9.77
N SER A 774 -6.16 26.31 9.14
N SER A 774 -6.19 26.31 9.14
CA SER A 774 -6.37 27.56 9.87
CA SER A 774 -6.37 27.57 9.87
C SER A 774 -7.85 27.89 10.04
C SER A 774 -7.85 27.88 10.06
N THR A 775 -8.71 26.91 9.75
CA THR A 775 -10.16 27.12 9.78
C THR A 775 -10.74 26.51 11.05
N PRO A 776 -11.98 26.85 11.39
CA PRO A 776 -12.59 26.21 12.56
C PRO A 776 -12.87 24.73 12.29
N PHE A 777 -12.86 23.94 13.36
CA PHE A 777 -13.30 22.55 13.27
C PHE A 777 -14.81 22.46 13.38
N HIS A 778 -15.38 21.61 12.54
CA HIS A 778 -16.81 21.27 12.62
C HIS A 778 -16.89 19.79 12.87
N LEU A 779 -17.60 19.40 13.92
CA LEU A 779 -17.66 17.99 14.27
C LEU A 779 -18.95 17.42 13.69
N LEU A 780 -18.85 16.28 13.00
CA LEU A 780 -20.04 15.61 12.47
C LEU A 780 -20.28 14.38 13.32
N VAL A 781 -21.44 14.35 13.99
CA VAL A 781 -21.75 13.29 14.93
C VAL A 781 -22.93 12.53 14.37
N VAL A 782 -22.74 11.26 14.08
CA VAL A 782 -23.82 10.46 13.54
C VAL A 782 -24.30 9.48 14.59
N MET A 783 -25.48 9.73 15.13
CA MET A 783 -25.97 8.90 16.22
C MET A 783 -26.42 7.54 15.72
N SER A 784 -26.32 6.55 16.59
CA SER A 784 -26.87 5.23 16.35
C SER A 784 -27.78 4.87 17.51
N ASP A 785 -28.89 4.21 17.20
CA ASP A 785 -29.78 3.73 18.25
C ASP A 785 -29.13 2.59 19.00
N HIS A 786 -28.12 1.96 18.39
CA HIS A 786 -27.61 0.68 18.87
C HIS A 786 -26.28 0.75 19.62
N VAL A 787 -25.54 1.83 19.43
CA VAL A 787 -24.17 1.94 19.94
C VAL A 787 -23.82 3.40 20.13
N ALA A 788 -22.96 3.70 21.11
CA ALA A 788 -22.47 5.07 21.28
C ALA A 788 -21.63 5.40 20.05
N SER A 789 -21.68 6.65 19.61
CA SER A 789 -20.89 7.07 18.46
C SER A 789 -19.51 7.51 18.95
N THR A 790 -18.47 7.14 18.20
CA THR A 790 -17.11 7.49 18.59
C THR A 790 -16.31 7.97 17.38
N GLY A 791 -15.24 8.72 17.65
CA GLY A 791 -14.35 9.13 16.58
C GLY A 791 -13.06 9.60 17.20
N GLU A 792 -12.09 9.95 16.35
CA GLU A 792 -10.74 10.23 16.83
C GLU A 792 -10.15 11.35 15.99
N LEU A 793 -9.27 12.14 16.60
CA LEU A 793 -8.58 13.20 15.86
C LEU A 793 -7.14 13.29 16.32
N PHE A 794 -6.19 13.08 15.39
CA PHE A 794 -4.79 13.21 15.72
C PHE A 794 -4.26 14.52 15.14
N LEU A 795 -3.55 15.29 15.95
CA LEU A 795 -3.02 16.58 15.51
C LEU A 795 -1.55 16.77 15.85
N ASP A 796 -0.77 17.22 14.87
CA ASP A 796 0.57 17.73 15.14
C ASP A 796 0.88 18.84 14.13
N ASN A 797 2.13 19.22 13.96
CA ASN A 797 2.40 20.31 13.03
C ASN A 797 2.34 19.91 11.56
N GLY A 798 2.00 18.65 11.29
CA GLY A 798 1.88 18.15 9.92
C GLY A 798 3.18 17.64 9.32
N ILE A 799 4.30 17.88 9.98
CA ILE A 799 5.60 17.52 9.41
C ILE A 799 6.62 16.92 10.39
N GLU A 800 6.19 16.60 11.62
CA GLU A 800 7.10 16.03 12.61
C GLU A 800 7.69 14.72 12.13
N MET A 801 9.00 14.57 12.31
N MET A 801 8.98 14.52 12.33
CA MET A 801 9.70 13.36 11.90
CA MET A 801 9.62 13.31 11.82
C MET A 801 9.16 12.12 12.61
C MET A 801 9.27 12.05 12.63
N ASP A 802 9.08 12.22 13.93
CA ASP A 802 8.76 11.09 14.79
C ASP A 802 7.31 11.21 15.25
N ILE A 803 6.39 10.81 14.39
CA ILE A 803 4.96 11.02 14.63
C ILE A 803 4.47 10.37 15.93
N GLY A 804 3.81 11.17 16.76
CA GLY A 804 3.28 10.69 18.03
C GLY A 804 4.40 10.35 19.00
N GLY A 805 5.55 10.98 18.82
CA GLY A 805 6.74 10.65 19.59
C GLY A 805 6.73 11.16 21.01
N PRO A 806 7.76 10.81 21.80
CA PRO A 806 7.89 11.20 23.21
C PRO A 806 8.10 12.70 23.40
N GLY A 807 8.42 13.42 22.33
CA GLY A 807 8.51 14.87 22.40
C GLY A 807 7.15 15.47 22.74
N GLY A 808 6.10 14.77 22.35
CA GLY A 808 4.75 15.15 22.72
C GLY A 808 4.25 16.42 22.05
N LYS A 809 4.86 16.79 20.93
CA LYS A 809 4.33 17.90 20.13
C LYS A 809 3.20 17.35 19.23
N TRP A 810 2.23 16.70 19.85
CA TRP A 810 1.04 16.21 19.17
C TRP A 810 -0.08 16.08 20.20
N THR A 811 -1.31 15.94 19.72
CA THR A 811 -2.44 15.75 20.60
C THR A 811 -3.33 14.69 19.96
N LEU A 812 -3.96 13.88 20.80
CA LEU A 812 -4.95 12.91 20.35
C LEU A 812 -6.27 13.18 21.07
N VAL A 813 -7.34 13.39 20.31
CA VAL A 813 -8.64 13.65 20.88
C VAL A 813 -9.58 12.51 20.53
N ARG A 814 -10.34 12.04 21.51
N ARG A 814 -10.35 12.05 21.51
CA ARG A 814 -11.35 11.03 21.26
CA ARG A 814 -11.35 11.02 21.24
C ARG A 814 -12.72 11.63 21.50
C ARG A 814 -12.73 11.59 21.52
N PHE A 815 -13.65 11.38 20.58
CA PHE A 815 -15.00 11.92 20.71
C PHE A 815 -15.99 10.82 21.02
N PHE A 816 -17.01 11.17 21.81
N PHE A 816 -17.05 11.19 21.73
CA PHE A 816 -18.05 10.23 22.22
CA PHE A 816 -18.03 10.24 22.25
C PHE A 816 -19.40 10.91 22.17
C PHE A 816 -19.40 10.91 22.22
N ALA A 817 -20.43 10.16 21.82
CA ALA A 817 -21.79 10.68 21.81
C ALA A 817 -22.74 9.56 22.16
N GLU A 818 -23.64 9.83 23.11
CA GLU A 818 -24.60 8.81 23.51
C GLU A 818 -25.95 9.45 23.81
N SER A 819 -27.00 8.77 23.37
CA SER A 819 -28.36 9.21 23.63
C SER A 819 -28.89 8.54 24.88
N GLY A 820 -29.58 9.33 25.71
CA GLY A 820 -30.40 8.78 26.78
C GLY A 820 -31.83 8.82 26.29
N ILE A 821 -32.80 8.70 27.19
CA ILE A 821 -34.19 8.78 26.77
C ILE A 821 -34.59 10.23 26.50
N ASN A 822 -34.12 11.14 27.35
CA ASN A 822 -34.55 12.53 27.31
C ASN A 822 -33.43 13.47 26.88
N ASN A 823 -32.22 12.94 26.82
CA ASN A 823 -31.05 13.77 26.59
C ASN A 823 -30.02 13.12 25.67
N LEU A 824 -28.98 13.89 25.34
CA LEU A 824 -27.88 13.40 24.52
C LEU A 824 -26.63 14.10 25.01
N THR A 825 -25.56 13.33 25.22
CA THR A 825 -24.29 13.88 25.65
C THR A 825 -23.21 13.69 24.57
N ILE A 826 -22.49 14.77 24.29
CA ILE A 826 -21.34 14.72 23.38
C ILE A 826 -20.12 15.18 24.17
N SER A 827 -19.05 14.39 24.13
CA SER A 827 -17.89 14.68 24.96
C SER A 827 -16.60 14.33 24.25
N SER A 828 -15.50 14.86 24.78
CA SER A 828 -14.20 14.50 24.24
C SER A 828 -13.24 14.17 25.38
N GLU A 829 -12.22 13.38 25.07
CA GLU A 829 -11.07 13.17 25.94
C GLU A 829 -9.86 13.63 25.17
N VAL A 830 -8.94 14.34 25.82
CA VAL A 830 -7.78 14.90 25.15
C VAL A 830 -6.48 14.39 25.76
N VAL A 831 -5.58 13.85 24.92
CA VAL A 831 -4.21 13.54 25.32
C VAL A 831 -3.28 14.66 24.88
N ASN A 832 -2.47 15.19 25.80
CA ASN A 832 -1.61 16.36 25.57
C ASN A 832 -2.41 17.63 25.29
N ARG A 833 -3.09 18.12 26.32
CA ARG A 833 -3.97 19.28 26.17
C ARG A 833 -3.20 20.55 25.84
N GLY A 834 -2.04 20.70 26.47
CA GLY A 834 -1.26 21.92 26.35
C GLY A 834 -0.82 22.17 24.93
N TYR A 835 -0.45 21.11 24.24
CA TYR A 835 -0.03 21.24 22.85
C TYR A 835 -1.16 21.70 21.93
N ALA A 836 -2.30 21.01 21.99
CA ALA A 836 -3.42 21.35 21.12
C ALA A 836 -3.90 22.76 21.45
N MET A 837 -3.84 23.13 22.72
N MET A 837 -3.84 23.10 22.73
CA MET A 837 -4.23 24.46 23.14
CA MET A 837 -4.20 24.42 23.18
C MET A 837 -3.32 25.50 22.49
C MET A 837 -3.34 25.48 22.51
N SER A 838 -2.04 25.20 22.45
CA SER A 838 -1.06 26.15 21.90
C SER A 838 -1.24 26.40 20.41
N GLN A 839 -1.99 25.53 19.75
CA GLN A 839 -2.23 25.68 18.31
C GLN A 839 -3.58 26.34 17.97
N ARG A 840 -4.30 26.80 19.00
CA ARG A 840 -5.52 27.62 18.81
C ARG A 840 -6.65 26.95 18.04
N TRP A 841 -6.61 25.63 17.91
CA TRP A 841 -7.67 24.91 17.20
C TRP A 841 -8.99 25.06 17.93
N VAL A 842 -10.03 25.45 17.19
CA VAL A 842 -11.32 25.72 17.77
C VAL A 842 -12.37 24.87 17.10
N MET A 843 -13.17 24.17 17.89
N MET A 843 -13.16 24.16 17.89
CA MET A 843 -14.36 23.48 17.39
CA MET A 843 -14.36 23.51 17.37
C MET A 843 -15.54 24.42 17.57
C MET A 843 -15.52 24.44 17.57
N ASP A 844 -16.06 24.94 16.46
CA ASP A 844 -17.07 25.98 16.53
C ASP A 844 -18.48 25.44 16.32
N LYS A 845 -18.58 24.27 15.69
CA LYS A 845 -19.89 23.75 15.31
C LYS A 845 -19.94 22.23 15.46
N ILE A 846 -21.07 21.73 15.93
CA ILE A 846 -21.34 20.29 15.91
C ILE A 846 -22.64 20.06 15.14
N THR A 847 -22.59 19.19 14.14
CA THR A 847 -23.81 18.76 13.43
C THR A 847 -24.16 17.36 13.88
N ILE A 848 -25.42 17.16 14.29
CA ILE A 848 -25.85 15.87 14.80
C ILE A 848 -26.82 15.20 13.83
N LEU A 849 -26.44 14.02 13.32
CA LEU A 849 -27.30 13.26 12.41
C LEU A 849 -27.79 11.98 13.08
N GLY A 850 -28.75 11.28 12.45
CA GLY A 850 -29.11 9.95 12.92
C GLY A 850 -30.28 9.89 13.90
N LEU A 851 -30.79 11.04 14.29
CA LEU A 851 -31.91 11.10 15.24
C LEU A 851 -33.18 11.59 14.56
N LYS A 852 -34.33 11.27 15.14
CA LYS A 852 -35.58 11.70 14.54
C LYS A 852 -36.25 12.83 15.33
N ARG A 853 -35.55 13.30 16.35
CA ARG A 853 -35.97 14.47 17.13
C ARG A 853 -34.86 15.51 17.16
N ARG A 854 -35.23 16.78 17.05
CA ARG A 854 -34.27 17.87 17.13
C ARG A 854 -33.69 17.94 18.55
N VAL A 855 -32.45 18.39 18.67
CA VAL A 855 -31.81 18.55 19.98
C VAL A 855 -31.25 19.95 20.16
N ARG A 856 -31.19 20.41 21.41
CA ARG A 856 -30.69 21.75 21.72
C ARG A 856 -29.92 21.76 23.04
N ILE A 857 -29.02 22.70 23.20
CA ILE A 857 -28.33 22.93 24.47
C ILE A 857 -29.37 23.25 25.53
N LYS A 858 -29.12 22.83 26.78
CA LYS A 858 -29.93 23.23 27.91
C LYS A 858 -30.19 24.73 27.93
N GLY A 885 -39.11 10.42 9.95
CA GLY A 885 -37.97 10.85 9.15
C GLY A 885 -36.88 11.47 10.00
N PHE A 886 -35.63 11.36 9.54
CA PHE A 886 -34.50 11.91 10.28
C PHE A 886 -34.45 13.42 10.22
N VAL A 887 -33.97 14.02 11.31
CA VAL A 887 -33.78 15.47 11.37
C VAL A 887 -32.30 15.76 11.55
N VAL A 888 -31.91 17.00 11.21
CA VAL A 888 -30.55 17.46 11.40
C VAL A 888 -30.54 18.56 12.46
N SER A 889 -29.65 18.43 13.42
CA SER A 889 -29.49 19.44 14.45
C SER A 889 -28.09 19.99 14.36
N VAL A 890 -27.96 21.31 14.46
CA VAL A 890 -26.66 21.95 14.39
C VAL A 890 -26.47 22.82 15.63
N ILE A 891 -25.34 22.66 16.32
CA ILE A 891 -25.03 23.48 17.48
C ILE A 891 -23.91 24.41 17.02
N SER A 892 -24.16 25.73 17.04
CA SER A 892 -23.23 26.70 16.46
C SER A 892 -22.61 27.62 17.51
N ASP A 893 -21.58 28.36 17.10
CA ASP A 893 -20.94 29.38 17.94
C ASP A 893 -20.39 28.84 19.26
N LEU A 894 -19.79 27.66 19.22
CA LEU A 894 -19.29 27.01 20.43
C LEU A 894 -17.98 27.62 20.91
N ARG A 895 -17.13 28.02 19.96
CA ARG A 895 -15.84 28.64 20.29
C ARG A 895 -15.01 27.76 21.23
N GLN A 896 -15.23 26.45 21.15
CA GLN A 896 -14.58 25.48 22.05
C GLN A 896 -13.14 25.19 21.64
N LEU A 897 -12.20 25.29 22.57
CA LEU A 897 -10.83 24.88 22.24
C LEU A 897 -10.80 23.37 22.09
N VAL A 898 -10.17 22.91 21.01
CA VAL A 898 -10.05 21.47 20.77
C VAL A 898 -9.20 20.84 21.88
N GLY A 899 -8.21 21.58 22.36
CA GLY A 899 -7.33 21.10 23.43
C GLY A 899 -7.96 20.97 24.80
N GLN A 900 -9.17 21.51 24.97
CA GLN A 900 -9.86 21.39 26.24
C GLN A 900 -11.00 20.40 26.10
N ALA A 901 -10.94 19.33 26.90
CA ALA A 901 -11.99 18.32 26.90
C ALA A 901 -13.31 18.99 27.24
N PHE A 902 -14.38 18.53 26.60
CA PHE A 902 -15.70 19.10 26.86
C PHE A 902 -16.72 18.01 27.07
N LYS A 903 -17.81 18.37 27.74
CA LYS A 903 -18.99 17.51 27.80
C LYS A 903 -20.18 18.39 27.52
N LEU A 904 -20.83 18.14 26.38
CA LEU A 904 -21.96 18.97 25.97
C LEU A 904 -23.24 18.21 26.22
N GLU A 905 -24.14 18.78 26.99
CA GLU A 905 -25.40 18.10 27.27
C GLU A 905 -26.57 18.73 26.54
N LEU A 906 -27.31 17.89 25.82
CA LEU A 906 -28.37 18.34 24.94
C LEU A 906 -29.69 17.71 25.37
N GLU A 907 -30.79 18.41 25.09
CA GLU A 907 -32.12 17.91 25.41
C GLU A 907 -32.91 17.78 24.13
N PHE A 908 -33.79 16.78 24.08
CA PHE A 908 -34.64 16.60 22.90
C PHE A 908 -35.79 17.61 22.90
N GLU A 909 -36.16 18.06 21.71
CA GLU A 909 -37.29 18.96 21.54
C GLU A 909 -38.53 18.13 21.27
C1 NAG B . 25.62 13.33 -22.87
C2 NAG B . 24.64 12.52 -23.76
C3 NAG B . 24.14 13.38 -24.94
C4 NAG B . 23.68 14.76 -24.49
C5 NAG B . 24.76 15.41 -23.63
C6 NAG B . 24.36 16.76 -23.07
C7 NAG B . 24.77 10.09 -24.07
C8 NAG B . 25.59 8.95 -24.61
N2 NAG B . 25.28 11.32 -24.23
O3 NAG B . 23.06 12.72 -25.59
O4 NAG B . 23.46 15.55 -25.65
O5 NAG B . 25.03 14.57 -22.50
O6 NAG B . 23.22 16.68 -22.23
O7 NAG B . 23.68 9.91 -23.52
C1 FUC B . 23.47 12.03 -26.80
C2 FUC B . 22.39 10.98 -27.15
C3 FUC B . 21.11 11.69 -27.56
C4 FUC B . 21.40 12.59 -28.77
C5 FUC B . 22.52 13.59 -28.43
C6 FUC B . 22.97 14.40 -29.63
O2 FUC B . 22.12 10.05 -26.07
O3 FUC B . 20.13 10.72 -27.97
O4 FUC B . 21.79 11.78 -29.89
O5 FUC B . 23.69 12.92 -27.88
C1 NAG B . 22.16 16.20 -25.75
C2 NAG B . 22.34 17.34 -26.77
C3 NAG B . 21.01 18.04 -27.05
C4 NAG B . 19.94 17.03 -27.44
C5 NAG B . 19.82 15.96 -26.35
C6 NAG B . 18.82 14.89 -26.71
C7 NAG B . 24.54 18.43 -26.86
C8 NAG B . 25.43 19.47 -26.25
N2 NAG B . 23.33 18.30 -26.30
O3 NAG B . 21.19 18.98 -28.09
O4 NAG B . 18.68 17.67 -27.63
O5 NAG B . 21.09 15.32 -26.18
O6 NAG B . 18.33 14.24 -25.54
O7 NAG B . 24.89 17.75 -27.84
C1 NAG C . -30.70 17.37 -0.13
C2 NAG C . -31.25 18.39 -1.11
C3 NAG C . -32.75 18.60 -0.88
C4 NAG C . -33.49 17.27 -0.86
C5 NAG C . -32.82 16.29 0.11
C6 NAG C . -33.41 14.90 0.08
C7 NAG C . -29.93 20.25 -2.02
C8 NAG C . -29.24 21.55 -1.73
N2 NAG C . -30.54 19.66 -1.00
O3 NAG C . -33.30 19.38 -1.93
O4 NAG C . -34.82 17.50 -0.45
O5 NAG C . -31.43 16.15 -0.24
O6 NAG C . -33.50 14.40 -1.26
O7 NAG C . -29.94 19.77 -3.16
C1 FUC C . -33.52 20.79 -1.69
C2 FUC C . -34.48 21.23 -0.54
C3 FUC C . -34.66 22.76 -0.62
C4 FUC C . -34.10 23.38 -1.96
C5 FUC C . -32.65 22.89 -2.28
C6 FUC C . -32.35 22.77 -3.78
O2 FUC C . -34.06 20.83 0.78
O3 FUC C . -36.03 23.13 -0.49
O4 FUC C . -34.99 23.13 -3.07
O5 FUC C . -32.39 21.60 -1.72
C1 NAG C . -35.79 17.26 -1.51
C2 NAG C . -37.12 16.95 -0.85
C3 NAG C . -38.13 16.54 -1.92
C4 NAG C . -38.23 17.61 -2.99
C5 NAG C . -36.85 17.96 -3.54
C6 NAG C . -36.89 19.16 -4.47
C7 NAG C . -36.90 16.24 1.48
C8 NAG C . -36.77 15.07 2.41
N2 NAG C . -36.99 15.95 0.17
O3 NAG C . -39.40 16.32 -1.30
O4 NAG C . -39.08 17.18 -4.06
O5 NAG C . -35.94 18.30 -2.47
O6 NAG C . -35.72 19.25 -5.27
O7 NAG C . -36.92 17.40 1.88
C1 GLC D . 2.02 -9.41 -23.45
C2 GLC D . 0.76 -8.83 -24.06
C3 GLC D . 0.99 -7.42 -24.57
C4 GLC D . 1.64 -6.54 -23.52
C5 GLC D . 2.90 -7.19 -22.97
C6 GLC D . 3.43 -6.38 -21.79
O1 GLC D . 2.96 -9.70 -24.49
O2 GLC D . 0.40 -9.60 -25.22
O3 GLC D . -0.27 -6.87 -24.95
O4 GLC D . 1.98 -5.29 -24.13
O5 GLC D . 2.61 -8.51 -22.50
O6 GLC D . 4.46 -7.13 -21.15
C1 GLC D . 1.03 -4.30 -23.70
C2 GLC D . 0.74 -3.34 -24.85
C3 GLC D . 1.95 -2.46 -25.15
C4 GLC D . 2.38 -1.76 -23.85
C5 GLC D . 2.72 -2.83 -22.83
C6 GLC D . 3.27 -2.25 -21.53
O2 GLC D . 0.40 -4.07 -26.05
O3 GLC D . 1.60 -1.50 -26.15
O4 GLC D . 3.55 -0.96 -24.06
O5 GLC D . 1.55 -3.60 -22.55
O6 GLC D . 3.56 -3.31 -20.60
C1 GLC D . 3.29 0.41 -24.34
C2 GLC D . 4.61 1.00 -24.82
C3 GLC D . 5.57 0.97 -23.64
C4 GLC D . 5.05 1.88 -22.52
C5 GLC D . 3.73 1.28 -22.08
C6 GLC D . 3.09 2.17 -21.00
O2 GLC D . 5.11 0.16 -25.88
O3 GLC D . 6.89 1.36 -24.09
O4 GLC D . 5.91 1.88 -21.38
O5 GLC D . 2.82 1.13 -23.18
O6 GLC D . 2.80 3.45 -21.59
C1 AC1 D . 7.05 2.74 -21.42
O2 AC1 D . 8.11 1.08 -20.06
C2 AC1 D . 7.84 2.49 -20.16
C4A AC1 D . 6.30 8.48 -16.18
C3 AC1 D . 7.03 2.94 -18.96
O3 AC1 D . 7.78 2.68 -17.78
C4 AC1 D . 6.75 4.43 -19.09
N4A AC1 D . 6.09 4.96 -17.88
C5 AC1 D . 5.95 4.62 -20.39
O5 AC1 D . 6.67 4.11 -21.52
C6 AC1 D . 5.65 6.09 -20.70
C1B AC1 D . 6.92 5.61 -16.85
C2B AC1 D . 6.18 6.08 -15.60
O2B AC1 D . 5.35 5.03 -15.09
C3B AC1 D . 5.36 7.31 -15.90
O3B AC1 D . 4.58 7.65 -14.75
O4 AC1 D . 5.56 9.58 -16.74
C5B AC1 D . 7.37 8.08 -17.16
C7B AC1 D . 7.65 6.79 -17.45
C6B AC1 D . 8.17 9.17 -17.81
O6B AC1 D . 9.14 9.59 -16.83
C1 GOL E . -22.45 19.49 4.07
O1 GOL E . -21.62 20.50 4.57
C2 GOL E . -23.91 19.87 4.31
O2 GOL E . -24.21 20.99 3.51
C3 GOL E . -24.78 18.70 3.88
O3 GOL E . -26.14 19.04 3.99
C1 GOL F . 20.72 -20.20 -7.06
O1 GOL F . 21.59 -21.30 -7.03
C2 GOL F . 20.31 -19.80 -5.64
O2 GOL F . 20.99 -18.60 -5.26
C3 GOL F . 18.80 -19.59 -5.59
O3 GOL F . 18.46 -18.82 -4.45
S SO4 G . -10.87 1.73 14.06
O1 SO4 G . -10.38 0.38 14.30
O2 SO4 G . -11.87 2.08 15.06
O3 SO4 G . -9.74 2.66 14.14
O4 SO4 G . -11.50 1.81 12.75
#